data_6H9E
#
_entry.id   6H9E
#
_cell.length_a   63.890
_cell.length_b   112.620
_cell.length_c   108.350
_cell.angle_alpha   90.000
_cell.angle_beta   95.690
_cell.angle_gamma   90.000
#
_symmetry.space_group_name_H-M   'P 1 21 1'
#
loop_
_entity.id
_entity.type
_entity.pdbx_description
1 polymer 'Glutamate mutase sigma subunit'
2 polymer 'Glutamate mutase epsilon subunit'
3 non-polymer COBALAMIN
4 non-polymer (2~{R},3~{R},4~{S},5~{R})-2-(6-aminopurin-9-yl)-5-ethyl-oxolane-3,4-diol
5 non-polymer 'D(-)-TARTARIC ACID'
6 non-polymer GLYCEROL
7 water water
#
loop_
_entity_poly.entity_id
_entity_poly.type
_entity_poly.pdbx_seq_one_letter_code
_entity_poly.pdbx_strand_id
1 'polypeptide(L)'
;MEKKTIVLGVIGSDCHAVGNKILDHAFTNAGFNVVNIGVLSPQENFIKAAIETKADAILVSSLYGQGEIDCKGLRQKCDE
AGLEGILLYVGGNIVVGKQHWPDVEKRFKDMGYDRVYAPGTPPEVGIADLKKDLNIE
;
A,C
2 'polypeptide(L)'
;MELKNKKWTDEEFHKQREEVLQQWPTGKEVDLQEAVDYLKKIPAEKNFAEKLVLAKKKGITMAQPRAGVALLDEHIELLR
YLQDEGGADFLPSTIDAYTRQNRYDECENGIKESEKAGRSLLNGFPGVNHGVKGCRKVLEAVNLPLQARHGTPDSRLLAE
IIHAGGWTSNEGGGISYNVPYAKNVTIEKSLLDWQYCDRLVGFYEEQGVHINREPFGPLTGTLVPPSMSNAVGITEALLA
AEQGVKNITVGYGECGNMIQDIAALRCLEEQTNEYLKAYGYNDVFVTTVFHQWMGGFPQDESKAFGVIVTATTIAALAGA
TKVIVKTPHEAIGIPTKEANAAGIKATKMALNMLEGQRMPMSKELETEMAVIKAETKCILDKMFELGKGDLAIGTVKAFE
TGVMDIPFGPSKYNAGKMMPVRDNLGCVRYLEFGNVPFTEEIKNYNRERLQERAKFEGRDVSFQMVIDDIFAVGKGRLIG
RPE
;
B,D
#
# COMPACT_ATOMS: atom_id res chain seq x y z
N MET A 1 -17.58 -33.22 -25.06
CA MET A 1 -18.05 -34.03 -23.94
C MET A 1 -19.51 -34.46 -24.09
N GLU A 2 -19.82 -35.70 -23.68
CA GLU A 2 -21.19 -36.19 -23.71
C GLU A 2 -22.03 -35.49 -22.64
N LYS A 3 -23.30 -35.23 -22.97
CA LYS A 3 -24.15 -34.42 -22.11
C LYS A 3 -24.51 -35.15 -20.82
N LYS A 4 -24.42 -34.42 -19.70
CA LYS A 4 -24.83 -34.89 -18.38
C LYS A 4 -25.45 -33.71 -17.63
N THR A 5 -26.22 -34.02 -16.59
CA THR A 5 -26.93 -33.02 -15.81
C THR A 5 -26.36 -32.89 -14.41
N ILE A 6 -26.14 -31.65 -13.97
CA ILE A 6 -25.76 -31.36 -12.60
C ILE A 6 -26.76 -30.38 -12.00
N VAL A 7 -26.94 -30.48 -10.68
CA VAL A 7 -27.62 -29.46 -9.90
C VAL A 7 -26.55 -28.54 -9.30
N LEU A 8 -26.79 -27.24 -9.37
CA LEU A 8 -25.83 -26.24 -8.89
C LEU A 8 -26.58 -25.25 -8.01
N GLY A 9 -26.00 -24.92 -6.86
CA GLY A 9 -26.66 -24.02 -5.92
C GLY A 9 -25.69 -23.53 -4.86
N VAL A 10 -26.15 -22.54 -4.09
CA VAL A 10 -25.42 -22.04 -2.93
C VAL A 10 -26.26 -22.36 -1.71
N ILE A 11 -25.67 -23.05 -0.73
CA ILE A 11 -26.44 -23.71 0.32
C ILE A 11 -26.68 -22.76 1.50
N GLY A 12 -27.80 -22.99 2.19
CA GLY A 12 -28.04 -22.40 3.49
C GLY A 12 -28.54 -20.98 3.45
N SER A 13 -28.05 -20.14 4.37
CA SER A 13 -28.43 -18.74 4.40
C SER A 13 -27.43 -17.85 3.65
N ASP A 14 -26.73 -18.44 2.67
CA ASP A 14 -25.64 -17.79 1.93
C ASP A 14 -26.20 -17.11 0.67
N CYS A 15 -25.94 -15.81 0.52
CA CYS A 15 -26.48 -15.05 -0.61
C CYS A 15 -25.45 -14.74 -1.69
N HIS A 16 -24.21 -15.21 -1.56
CA HIS A 16 -23.20 -14.95 -2.59
C HIS A 16 -23.63 -15.54 -3.93
N ALA A 17 -23.57 -14.72 -4.97
CA ALA A 17 -24.19 -15.06 -6.26
C ALA A 17 -23.26 -14.99 -7.47
N VAL A 18 -22.14 -14.27 -7.40
CA VAL A 18 -21.32 -14.09 -8.60
C VAL A 18 -20.68 -15.42 -9.00
N GLY A 19 -20.13 -16.15 -8.03
CA GLY A 19 -19.51 -17.43 -8.35
C GLY A 19 -20.50 -18.41 -8.95
N ASN A 20 -21.76 -18.35 -8.48
CA ASN A 20 -22.81 -19.20 -9.02
C ASN A 20 -23.04 -18.91 -10.50
N LYS A 21 -23.04 -17.64 -10.88
CA LYS A 21 -23.21 -17.27 -12.28
CA LYS A 21 -23.21 -17.29 -12.29
C LYS A 21 -22.03 -17.76 -13.12
N ILE A 22 -20.81 -17.64 -12.60
CA ILE A 22 -19.64 -18.08 -13.33
C ILE A 22 -19.63 -19.60 -13.46
N LEU A 23 -19.96 -20.31 -12.37
CA LEU A 23 -19.98 -21.78 -12.43
C LEU A 23 -21.01 -22.28 -13.43
N ASP A 24 -22.21 -21.69 -13.42
CA ASP A 24 -23.23 -22.01 -14.42
C ASP A 24 -22.68 -21.82 -15.83
N HIS A 25 -22.12 -20.64 -16.08
CA HIS A 25 -21.51 -20.32 -17.38
C HIS A 25 -20.46 -21.36 -17.78
N ALA A 26 -19.54 -21.66 -16.86
CA ALA A 26 -18.41 -22.52 -17.20
C ALA A 26 -18.87 -23.96 -17.45
N PHE A 27 -19.71 -24.49 -16.56
CA PHE A 27 -20.14 -25.89 -16.73
C PHE A 27 -21.08 -26.03 -17.91
N THR A 28 -21.88 -25.00 -18.23
CA THR A 28 -22.67 -25.04 -19.46
C THR A 28 -21.76 -25.04 -20.68
N ASN A 29 -20.73 -24.18 -20.69
CA ASN A 29 -19.80 -24.15 -21.81
C ASN A 29 -19.09 -25.49 -21.98
N ALA A 30 -18.86 -26.21 -20.87
CA ALA A 30 -18.19 -27.50 -20.94
C ALA A 30 -19.10 -28.60 -21.46
N GLY A 31 -20.39 -28.34 -21.64
CA GLY A 31 -21.31 -29.32 -22.18
C GLY A 31 -22.30 -29.89 -21.19
N PHE A 32 -22.32 -29.40 -19.94
CA PHE A 32 -23.26 -29.89 -18.96
C PHE A 32 -24.60 -29.17 -19.05
N ASN A 33 -25.65 -29.89 -18.66
CA ASN A 33 -26.97 -29.30 -18.45
C ASN A 33 -27.03 -28.88 -16.99
N VAL A 34 -26.94 -27.58 -16.75
CA VAL A 34 -26.83 -27.05 -15.39
C VAL A 34 -28.22 -26.68 -14.90
N VAL A 35 -28.66 -27.34 -13.84
CA VAL A 35 -29.92 -27.05 -13.16
C VAL A 35 -29.56 -26.15 -11.99
N ASN A 36 -29.70 -24.84 -12.16
CA ASN A 36 -29.18 -23.87 -11.20
C ASN A 36 -30.30 -23.42 -10.27
N ILE A 37 -30.27 -23.87 -9.01
CA ILE A 37 -31.28 -23.48 -8.04
C ILE A 37 -30.93 -22.20 -7.30
N GLY A 38 -29.73 -21.63 -7.54
CA GLY A 38 -29.44 -20.30 -7.05
C GLY A 38 -29.07 -20.28 -5.58
N VAL A 39 -29.09 -19.08 -5.01
CA VAL A 39 -28.57 -18.84 -3.67
C VAL A 39 -29.63 -19.16 -2.62
N LEU A 40 -29.21 -19.15 -1.35
CA LEU A 40 -30.12 -19.30 -0.20
C LEU A 40 -30.92 -20.60 -0.29
N SER A 41 -30.23 -21.69 -0.67
CA SER A 41 -30.89 -22.96 -0.99
C SER A 41 -30.73 -23.95 0.15
N PRO A 42 -31.81 -24.37 0.81
CA PRO A 42 -31.72 -25.47 1.77
C PRO A 42 -31.40 -26.78 1.06
N GLN A 43 -30.95 -27.77 1.83
CA GLN A 43 -30.61 -29.07 1.26
C GLN A 43 -31.75 -29.65 0.42
N GLU A 44 -32.99 -29.52 0.90
CA GLU A 44 -34.13 -30.12 0.22
C GLU A 44 -34.26 -29.62 -1.22
N ASN A 45 -33.88 -28.36 -1.47
CA ASN A 45 -34.00 -27.82 -2.83
C ASN A 45 -33.03 -28.49 -3.79
N PHE A 46 -31.82 -28.83 -3.31
CA PHE A 46 -30.87 -29.58 -4.12
C PHE A 46 -31.42 -30.95 -4.48
N ILE A 47 -32.05 -31.61 -3.51
CA ILE A 47 -32.53 -32.97 -3.70
C ILE A 47 -33.75 -32.98 -4.60
N LYS A 48 -34.69 -32.06 -4.38
CA LYS A 48 -35.85 -31.93 -5.25
C LYS A 48 -35.42 -31.75 -6.71
N ALA A 49 -34.45 -30.85 -6.94
CA ALA A 49 -33.98 -30.61 -8.30
C ALA A 49 -33.30 -31.85 -8.89
N ALA A 50 -32.49 -32.54 -8.08
CA ALA A 50 -31.78 -33.70 -8.59
C ALA A 50 -32.76 -34.81 -8.96
N ILE A 51 -33.82 -34.98 -8.17
CA ILE A 51 -34.84 -35.97 -8.49
C ILE A 51 -35.57 -35.59 -9.78
N GLU A 52 -36.02 -34.34 -9.87
CA GLU A 52 -36.82 -33.90 -11.01
C GLU A 52 -36.04 -34.00 -12.31
N THR A 53 -34.73 -33.75 -12.29
CA THR A 53 -33.95 -33.66 -13.50
C THR A 53 -33.04 -34.86 -13.71
N LYS A 54 -33.13 -35.89 -12.86
CA LYS A 54 -32.30 -37.09 -12.97
C LYS A 54 -30.82 -36.73 -13.04
N ALA A 55 -30.41 -35.87 -12.12
CA ALA A 55 -29.07 -35.31 -12.14
C ALA A 55 -28.02 -36.38 -11.84
N ASP A 56 -26.87 -36.24 -12.50
CA ASP A 56 -25.73 -37.09 -12.27
C ASP A 56 -24.86 -36.61 -11.12
N ALA A 57 -24.97 -35.34 -10.74
CA ALA A 57 -24.13 -34.81 -9.68
C ALA A 57 -24.79 -33.58 -9.09
N ILE A 58 -24.47 -33.31 -7.83
CA ILE A 58 -24.91 -32.12 -7.13
C ILE A 58 -23.67 -31.36 -6.73
N LEU A 59 -23.54 -30.12 -7.21
CA LEU A 59 -22.41 -29.26 -6.88
C LEU A 59 -22.91 -28.24 -5.87
N VAL A 60 -22.48 -28.40 -4.62
CA VAL A 60 -22.87 -27.50 -3.54
C VAL A 60 -21.78 -26.44 -3.43
N SER A 61 -22.13 -25.19 -3.72
CA SER A 61 -21.23 -24.08 -3.46
C SER A 61 -21.54 -23.51 -2.09
N SER A 62 -20.50 -23.17 -1.35
CA SER A 62 -20.67 -22.56 -0.04
C SER A 62 -19.56 -21.54 0.15
N LEU A 63 -19.93 -20.26 0.14
CA LEU A 63 -18.96 -19.18 0.25
C LEU A 63 -18.88 -18.57 1.65
N TYR A 64 -19.97 -18.59 2.41
CA TYR A 64 -20.05 -17.70 3.57
C TYR A 64 -19.48 -18.30 4.85
N GLY A 65 -19.03 -19.55 4.82
CA GLY A 65 -18.31 -20.14 5.94
C GLY A 65 -19.16 -21.04 6.80
N GLN A 66 -20.47 -20.82 6.85
CA GLN A 66 -21.35 -21.63 7.69
C GLN A 66 -21.76 -22.94 7.01
N GLY A 67 -21.18 -23.23 5.84
CA GLY A 67 -21.42 -24.49 5.18
C GLY A 67 -20.98 -25.69 5.99
N GLU A 68 -19.99 -25.52 6.88
CA GLU A 68 -19.61 -26.63 7.74
C GLU A 68 -20.80 -27.12 8.56
N ILE A 69 -21.69 -26.20 8.97
CA ILE A 69 -22.97 -26.56 9.56
C ILE A 69 -23.96 -27.02 8.49
N ASP A 70 -24.18 -26.21 7.45
CA ASP A 70 -25.28 -26.45 6.52
C ASP A 70 -25.11 -27.77 5.76
N CYS A 71 -23.87 -28.19 5.53
CA CYS A 71 -23.60 -29.31 4.63
C CYS A 71 -23.76 -30.68 5.30
N LYS A 72 -23.81 -30.73 6.63
CA LYS A 72 -23.95 -32.02 7.32
C LYS A 72 -25.31 -32.63 6.99
N GLY A 73 -25.31 -33.90 6.62
CA GLY A 73 -26.54 -34.66 6.45
C GLY A 73 -27.05 -34.75 5.03
N LEU A 74 -26.41 -34.08 4.07
CA LEU A 74 -26.92 -34.10 2.71
C LEU A 74 -26.87 -35.51 2.11
N ARG A 75 -25.76 -36.22 2.33
CA ARG A 75 -25.63 -37.56 1.78
C ARG A 75 -26.75 -38.46 2.28
N GLN A 76 -27.03 -38.42 3.58
CA GLN A 76 -28.08 -39.26 4.15
C GLN A 76 -29.44 -38.93 3.53
N LYS A 77 -29.76 -37.65 3.42
CA LYS A 77 -31.03 -37.27 2.79
C LYS A 77 -31.08 -37.71 1.34
N CYS A 78 -29.96 -37.65 0.63
CA CYS A 78 -29.90 -38.14 -0.73
C CYS A 78 -30.16 -39.65 -0.78
N ASP A 79 -29.54 -40.41 0.12
CA ASP A 79 -29.80 -41.85 0.16
C ASP A 79 -31.27 -42.14 0.41
N GLU A 80 -31.86 -41.47 1.40
CA GLU A 80 -33.26 -41.69 1.73
C GLU A 80 -34.19 -41.27 0.60
N ALA A 81 -33.74 -40.39 -0.29
CA ALA A 81 -34.55 -39.96 -1.42
C ALA A 81 -34.33 -40.80 -2.68
N GLY A 82 -33.56 -41.88 -2.58
CA GLY A 82 -33.33 -42.74 -3.71
C GLY A 82 -32.22 -42.30 -4.63
N LEU A 83 -31.31 -41.45 -4.17
CA LEU A 83 -30.19 -40.97 -4.96
C LEU A 83 -28.88 -41.61 -4.51
N GLU A 84 -28.92 -42.88 -4.11
CA GLU A 84 -27.71 -43.58 -3.69
C GLU A 84 -26.62 -43.46 -4.76
N GLY A 85 -25.42 -43.13 -4.32
CA GLY A 85 -24.27 -43.06 -5.21
C GLY A 85 -24.15 -41.80 -6.04
N ILE A 86 -25.08 -40.83 -5.91
CA ILE A 86 -24.95 -39.60 -6.68
C ILE A 86 -23.68 -38.88 -6.26
N LEU A 87 -23.02 -38.23 -7.22
CA LEU A 87 -21.83 -37.44 -6.91
C LEU A 87 -22.22 -36.18 -6.15
N LEU A 88 -21.54 -35.94 -5.03
CA LEU A 88 -21.68 -34.73 -4.22
C LEU A 88 -20.34 -34.01 -4.19
N TYR A 89 -20.29 -32.82 -4.78
CA TYR A 89 -19.13 -31.94 -4.70
C TYR A 89 -19.45 -30.77 -3.79
N VAL A 90 -18.45 -30.26 -3.08
CA VAL A 90 -18.62 -29.04 -2.29
C VAL A 90 -17.38 -28.17 -2.46
N GLY A 91 -17.58 -26.88 -2.66
CA GLY A 91 -16.46 -25.98 -2.84
C GLY A 91 -16.85 -24.55 -2.56
N GLY A 92 -15.86 -23.67 -2.66
CA GLY A 92 -16.02 -22.27 -2.34
C GLY A 92 -15.09 -21.82 -1.23
N ASN A 93 -15.66 -21.28 -0.13
CA ASN A 93 -14.95 -20.93 1.10
C ASN A 93 -15.73 -21.61 2.20
N ILE A 94 -15.52 -22.92 2.35
CA ILE A 94 -16.56 -23.77 2.95
C ILE A 94 -16.50 -23.82 4.48
N VAL A 95 -15.42 -23.33 5.09
CA VAL A 95 -15.32 -23.22 6.55
C VAL A 95 -15.12 -21.75 6.93
N VAL A 96 -15.28 -21.47 8.21
CA VAL A 96 -15.02 -20.12 8.73
C VAL A 96 -13.52 -19.96 8.96
N GLY A 97 -12.89 -19.12 8.15
CA GLY A 97 -11.49 -18.76 8.33
C GLY A 97 -10.51 -19.65 7.59
N LYS A 98 -9.29 -19.15 7.49
CA LYS A 98 -8.17 -19.95 6.99
C LYS A 98 -7.91 -21.10 7.95
N GLN A 99 -7.84 -22.31 7.40
CA GLN A 99 -7.62 -23.51 8.19
C GLN A 99 -6.66 -24.42 7.44
N HIS A 100 -6.15 -25.43 8.15
CA HIS A 100 -5.28 -26.44 7.55
C HIS A 100 -6.10 -27.28 6.58
N TRP A 101 -5.79 -27.18 5.29
CA TRP A 101 -6.69 -27.77 4.30
C TRP A 101 -6.87 -29.28 4.42
N PRO A 102 -5.84 -30.09 4.68
CA PRO A 102 -6.11 -31.54 4.83
C PRO A 102 -7.16 -31.82 5.89
N ASP A 103 -7.21 -31.02 6.96
CA ASP A 103 -8.22 -31.21 7.99
C ASP A 103 -9.61 -30.90 7.47
N VAL A 104 -9.73 -29.83 6.69
CA VAL A 104 -11.04 -29.46 6.12
C VAL A 104 -11.51 -30.53 5.15
N GLU A 105 -10.61 -30.98 4.28
CA GLU A 105 -11.02 -31.93 3.26
C GLU A 105 -11.54 -33.22 3.88
N LYS A 106 -10.85 -33.72 4.93
CA LYS A 106 -11.33 -34.92 5.60
C LYS A 106 -12.66 -34.70 6.30
N ARG A 107 -12.84 -33.51 6.90
CA ARG A 107 -14.10 -33.23 7.60
C ARG A 107 -15.29 -33.31 6.66
N PHE A 108 -15.16 -32.80 5.44
CA PHE A 108 -16.29 -32.83 4.52
C PHE A 108 -16.41 -34.19 3.82
N LYS A 109 -15.29 -34.83 3.51
CA LYS A 109 -15.38 -36.20 3.00
C LYS A 109 -16.06 -37.12 4.00
N ASP A 110 -15.76 -36.97 5.28
CA ASP A 110 -16.44 -37.75 6.31
C ASP A 110 -17.92 -37.45 6.37
N MET A 111 -18.33 -36.25 5.95
CA MET A 111 -19.76 -35.93 5.82
C MET A 111 -20.42 -36.62 4.65
N GLY A 112 -19.65 -37.25 3.76
CA GLY A 112 -20.21 -37.91 2.61
C GLY A 112 -20.01 -37.19 1.28
N TYR A 113 -19.22 -36.13 1.24
CA TYR A 113 -18.94 -35.46 -0.03
C TYR A 113 -17.85 -36.22 -0.77
N ASP A 114 -18.03 -36.35 -2.09
CA ASP A 114 -17.08 -37.08 -2.90
C ASP A 114 -15.82 -36.27 -3.17
N ARG A 115 -15.98 -34.98 -3.46
CA ARG A 115 -14.85 -34.09 -3.69
C ARG A 115 -15.08 -32.79 -2.94
N VAL A 116 -13.98 -32.20 -2.47
CA VAL A 116 -14.01 -31.06 -1.57
C VAL A 116 -12.97 -30.06 -2.06
N TYR A 117 -13.38 -28.80 -2.27
CA TYR A 117 -12.54 -27.84 -2.98
C TYR A 117 -12.22 -26.62 -2.11
N ALA A 118 -10.98 -26.18 -2.20
CA ALA A 118 -10.44 -25.09 -1.40
C ALA A 118 -10.80 -23.73 -2.00
N PRO A 119 -10.55 -22.65 -1.27
CA PRO A 119 -10.80 -21.31 -1.82
C PRO A 119 -10.07 -21.11 -3.15
N GLY A 120 -10.74 -20.40 -4.06
CA GLY A 120 -10.12 -20.03 -5.32
C GLY A 120 -10.00 -21.15 -6.32
N THR A 121 -10.76 -22.23 -6.16
CA THR A 121 -10.69 -23.33 -7.13
C THR A 121 -11.24 -22.86 -8.48
N PRO A 122 -10.48 -23.00 -9.57
CA PRO A 122 -11.01 -22.67 -10.90
C PRO A 122 -12.11 -23.63 -11.30
N PRO A 123 -13.19 -23.13 -11.93
CA PRO A 123 -14.24 -24.05 -12.39
C PRO A 123 -13.70 -25.16 -13.27
N GLU A 124 -12.60 -24.90 -13.98
CA GLU A 124 -12.02 -25.90 -14.88
C GLU A 124 -11.54 -27.14 -14.12
N VAL A 125 -11.13 -26.97 -12.86
CA VAL A 125 -10.72 -28.13 -12.07
C VAL A 125 -11.93 -29.02 -11.77
N GLY A 126 -13.06 -28.42 -11.37
CA GLY A 126 -14.24 -29.21 -11.11
C GLY A 126 -14.79 -29.88 -12.35
N ILE A 127 -14.70 -29.19 -13.50
CA ILE A 127 -15.14 -29.78 -14.77
C ILE A 127 -14.31 -31.01 -15.10
N ALA A 128 -12.99 -30.92 -14.93
CA ALA A 128 -12.14 -32.07 -15.25
C ALA A 128 -12.41 -33.23 -14.30
N ASP A 129 -12.58 -32.94 -13.00
CA ASP A 129 -12.90 -33.97 -12.04
C ASP A 129 -14.24 -34.63 -12.34
N LEU A 130 -15.23 -33.83 -12.72
CA LEU A 130 -16.55 -34.37 -13.03
C LEU A 130 -16.51 -35.25 -14.27
N LYS A 131 -15.83 -34.81 -15.32
CA LYS A 131 -15.65 -35.66 -16.50
C LYS A 131 -15.02 -36.99 -16.12
N LYS A 132 -13.99 -36.94 -15.28
CA LYS A 132 -13.32 -38.18 -14.88
C LYS A 132 -14.26 -39.06 -14.07
N ASP A 133 -14.94 -38.47 -13.08
CA ASP A 133 -15.84 -39.25 -12.22
C ASP A 133 -17.03 -39.80 -12.99
N LEU A 134 -17.47 -39.12 -14.05
CA LEU A 134 -18.53 -39.64 -14.89
C LEU A 134 -18.00 -40.43 -16.08
N ASN A 135 -16.68 -40.58 -16.17
CA ASN A 135 -16.02 -41.41 -17.20
C ASN A 135 -16.35 -40.93 -18.61
N ILE A 136 -16.29 -39.61 -18.81
CA ILE A 136 -16.63 -39.01 -20.10
C ILE A 136 -15.53 -38.07 -20.54
N GLU A 137 -14.31 -38.29 -20.05
CA GLU A 137 -13.15 -37.52 -20.50
C GLU A 137 -12.97 -37.69 -22.02
N MET B 1 -48.98 -2.62 6.19
CA MET B 1 -48.82 -1.18 6.07
C MET B 1 -48.62 -0.80 4.61
N GLU B 2 -49.15 0.36 4.20
CA GLU B 2 -48.91 0.86 2.86
C GLU B 2 -47.58 1.61 2.83
N LEU B 3 -46.86 1.50 1.71
CA LEU B 3 -45.59 2.19 1.55
C LEU B 3 -45.81 3.59 1.00
N LYS B 4 -45.31 4.58 1.72
CA LYS B 4 -45.34 5.98 1.32
C LYS B 4 -44.12 6.62 1.94
N ASN B 5 -43.51 7.57 1.24
CA ASN B 5 -42.33 8.23 1.80
C ASN B 5 -42.80 9.32 2.76
N LYS B 6 -43.29 8.88 3.91
CA LYS B 6 -43.82 9.80 4.90
C LYS B 6 -43.48 9.29 6.29
N LYS B 7 -43.03 10.20 7.15
CA LYS B 7 -42.64 9.81 8.50
C LYS B 7 -43.79 9.09 9.20
N TRP B 8 -43.50 7.93 9.77
CA TRP B 8 -44.52 7.20 10.51
C TRP B 8 -44.98 8.02 11.71
N THR B 9 -46.26 7.93 12.04
CA THR B 9 -46.72 8.58 13.26
C THR B 9 -46.18 7.84 14.48
N ASP B 10 -46.16 8.56 15.61
CA ASP B 10 -45.74 7.92 16.86
C ASP B 10 -46.58 6.68 17.15
N GLU B 11 -47.87 6.74 16.85
CA GLU B 11 -48.75 5.63 17.16
C GLU B 11 -48.49 4.45 16.21
N GLU B 12 -48.35 4.72 14.92
CA GLU B 12 -48.04 3.64 14.00
C GLU B 12 -46.71 2.99 14.35
N PHE B 13 -45.70 3.80 14.69
CA PHE B 13 -44.41 3.23 15.06
C PHE B 13 -44.54 2.36 16.31
N HIS B 14 -45.22 2.86 17.34
CA HIS B 14 -45.38 2.07 18.57
C HIS B 14 -46.09 0.75 18.29
N LYS B 15 -47.11 0.77 17.44
CA LYS B 15 -47.81 -0.46 17.12
C LYS B 15 -46.85 -1.46 16.49
N GLN B 16 -45.98 -0.99 15.59
CA GLN B 16 -45.02 -1.89 14.96
C GLN B 16 -44.01 -2.42 15.97
N ARG B 17 -43.51 -1.53 16.86
CA ARG B 17 -42.55 -1.96 17.88
C ARG B 17 -43.11 -3.13 18.68
N GLU B 18 -44.38 -3.05 19.08
CA GLU B 18 -44.92 -4.10 19.95
C GLU B 18 -44.99 -5.44 19.23
N GLU B 19 -45.18 -5.42 17.90
CA GLU B 19 -45.08 -6.66 17.12
C GLU B 19 -43.64 -7.13 17.01
N VAL B 20 -42.71 -6.23 16.69
CA VAL B 20 -41.32 -6.59 16.41
C VAL B 20 -40.65 -7.20 17.63
N LEU B 21 -40.88 -6.62 18.81
CA LEU B 21 -40.19 -7.10 20.01
C LEU B 21 -40.58 -8.52 20.38
N GLN B 22 -41.68 -9.03 19.84
CA GLN B 22 -42.09 -10.40 20.10
C GLN B 22 -41.39 -11.43 19.22
N GLN B 23 -40.54 -11.00 18.29
CA GLN B 23 -39.97 -11.95 17.33
C GLN B 23 -38.86 -12.83 17.93
N TRP B 24 -38.34 -12.49 19.10
CA TRP B 24 -37.42 -13.35 19.84
C TRP B 24 -37.49 -12.93 21.31
N PRO B 25 -37.22 -13.85 22.25
CA PRO B 25 -37.41 -13.50 23.67
C PRO B 25 -36.52 -12.38 24.16
N THR B 26 -35.38 -12.12 23.49
CA THR B 26 -34.54 -11.00 23.89
C THR B 26 -35.21 -9.65 23.64
N GLY B 27 -36.27 -9.62 22.84
CA GLY B 27 -37.02 -8.38 22.68
C GLY B 27 -37.58 -7.86 23.99
N LYS B 28 -37.77 -8.74 24.98
CA LYS B 28 -38.24 -8.31 26.30
C LYS B 28 -37.21 -7.43 27.01
N GLU B 29 -35.93 -7.55 26.67
CA GLU B 29 -34.91 -6.71 27.29
C GLU B 29 -34.91 -5.26 26.78
N VAL B 30 -35.70 -4.94 25.76
CA VAL B 30 -35.69 -3.59 25.19
C VAL B 30 -36.72 -2.73 25.90
N ASP B 31 -36.23 -1.68 26.58
CA ASP B 31 -37.06 -0.72 27.31
C ASP B 31 -36.62 0.65 26.83
N LEU B 32 -37.45 1.29 26.00
CA LEU B 32 -37.03 2.55 25.36
C LEU B 32 -36.72 3.63 26.39
N GLN B 33 -37.53 3.75 27.44
CA GLN B 33 -37.23 4.72 28.49
C GLN B 33 -35.84 4.47 29.06
N GLU B 34 -35.59 3.23 29.49
CA GLU B 34 -34.32 2.90 30.11
C GLU B 34 -33.17 3.02 29.12
N ALA B 35 -33.42 2.65 27.86
CA ALA B 35 -32.34 2.70 26.87
C ALA B 35 -31.92 4.13 26.57
N VAL B 36 -32.86 5.08 26.53
CA VAL B 36 -32.50 6.48 26.32
C VAL B 36 -31.55 6.96 27.43
N ASP B 37 -31.87 6.63 28.69
CA ASP B 37 -30.99 7.00 29.80
C ASP B 37 -29.61 6.38 29.61
N TYR B 38 -29.56 5.08 29.28
CA TYR B 38 -28.29 4.40 29.07
C TYR B 38 -27.49 5.06 27.94
N LEU B 39 -28.15 5.30 26.80
CA LEU B 39 -27.45 5.92 25.68
C LEU B 39 -26.89 7.30 26.04
N LYS B 40 -27.66 8.10 26.80
CA LYS B 40 -27.18 9.45 27.13
C LYS B 40 -26.02 9.44 28.11
N LYS B 41 -25.77 8.30 28.77
CA LYS B 41 -24.61 8.15 29.65
C LYS B 41 -23.36 7.73 28.90
N ILE B 42 -23.47 7.39 27.62
CA ILE B 42 -22.27 6.97 26.88
C ILE B 42 -21.38 8.19 26.64
N PRO B 43 -20.08 8.10 26.93
CA PRO B 43 -19.20 9.24 26.66
C PRO B 43 -19.17 9.57 25.17
N ALA B 44 -18.98 10.87 24.88
CA ALA B 44 -18.94 11.32 23.49
C ALA B 44 -17.90 10.56 22.68
N GLU B 45 -16.80 10.15 23.33
CA GLU B 45 -15.77 9.38 22.62
C GLU B 45 -16.27 8.04 22.14
N LYS B 46 -17.38 7.53 22.70
CA LYS B 46 -17.93 6.25 22.29
C LYS B 46 -19.26 6.41 21.57
N ASN B 47 -19.59 7.62 21.14
CA ASN B 47 -20.79 7.86 20.34
C ASN B 47 -20.36 8.01 18.87
N PHE B 48 -20.93 7.17 18.01
CA PHE B 48 -20.50 7.10 16.63
C PHE B 48 -20.83 8.39 15.87
N ALA B 49 -22.03 8.94 16.10
CA ALA B 49 -22.42 10.15 15.41
C ALA B 49 -21.53 11.32 15.80
N GLU B 50 -21.22 11.44 17.09
CA GLU B 50 -20.44 12.58 17.56
C GLU B 50 -18.99 12.47 17.10
N LYS B 51 -18.45 11.25 17.05
CA LYS B 51 -17.07 11.10 16.57
C LYS B 51 -16.95 11.35 15.07
N LEU B 52 -18.00 11.02 14.28
CA LEU B 52 -18.00 11.40 12.87
C LEU B 52 -17.98 12.91 12.70
N VAL B 53 -18.72 13.64 13.54
CA VAL B 53 -18.65 15.11 13.48
C VAL B 53 -17.23 15.59 13.75
N LEU B 54 -16.56 14.97 14.74
CA LEU B 54 -15.19 15.32 15.07
C LEU B 54 -14.24 15.04 13.91
N ALA B 55 -14.38 13.88 13.26
CA ALA B 55 -13.54 13.56 12.11
C ALA B 55 -13.70 14.59 11.01
N LYS B 56 -14.95 14.96 10.72
CA LYS B 56 -15.23 15.92 9.66
C LYS B 56 -14.59 17.27 9.97
N LYS B 57 -14.72 17.72 11.22
CA LYS B 57 -14.16 19.02 11.61
C LYS B 57 -12.64 19.03 11.49
N LYS B 58 -11.99 17.92 11.86
CA LYS B 58 -10.54 17.85 11.80
C LYS B 58 -10.01 17.45 10.44
N GLY B 59 -10.89 17.06 9.51
CA GLY B 59 -10.45 16.72 8.17
C GLY B 59 -9.61 15.47 8.12
N ILE B 60 -9.94 14.47 8.92
CA ILE B 60 -9.19 13.23 8.94
C ILE B 60 -10.09 12.09 8.51
N THR B 61 -9.47 11.06 7.94
CA THR B 61 -10.15 9.83 7.58
C THR B 61 -9.94 8.83 8.71
N MET B 62 -11.04 8.27 9.22
CA MET B 62 -11.03 7.29 10.30
CA MET B 62 -10.95 7.29 10.28
C MET B 62 -11.08 5.88 9.71
N ALA B 63 -10.37 4.95 10.33
CA ALA B 63 -10.32 3.58 9.83
C ALA B 63 -11.20 2.67 10.68
N GLN B 64 -11.98 1.81 10.01
CA GLN B 64 -12.88 0.91 10.72
C GLN B 64 -12.81 -0.47 10.08
N PRO B 65 -12.53 -1.52 10.87
CA PRO B 65 -12.54 -2.88 10.31
C PRO B 65 -13.92 -3.49 10.34
N ARG B 66 -14.00 -4.75 9.91
CA ARG B 66 -15.15 -5.61 10.09
C ARG B 66 -14.73 -6.74 11.03
N ALA B 67 -15.65 -7.21 11.87
CA ALA B 67 -15.22 -8.21 12.86
C ALA B 67 -16.43 -8.79 13.59
N GLY B 68 -16.37 -10.09 13.85
CA GLY B 68 -17.42 -10.73 14.66
C GLY B 68 -17.31 -12.24 14.73
N VAL B 69 -17.59 -12.80 15.90
CA VAL B 69 -17.57 -14.24 16.14
C VAL B 69 -18.78 -14.59 17.00
N ALA B 70 -19.00 -15.90 17.15
CA ALA B 70 -20.23 -16.41 17.75
C ALA B 70 -20.35 -16.04 19.22
N LEU B 71 -19.28 -16.19 19.99
CA LEU B 71 -19.36 -16.13 21.44
C LEU B 71 -18.94 -14.78 21.98
N LEU B 72 -19.60 -14.39 23.08
CA LEU B 72 -19.49 -13.02 23.60
C LEU B 72 -18.08 -12.68 24.04
N ASP B 73 -17.49 -13.51 24.90
CA ASP B 73 -16.17 -13.19 25.42
C ASP B 73 -15.13 -13.16 24.31
N GLU B 74 -15.20 -14.13 23.39
CA GLU B 74 -14.28 -14.15 22.26
C GLU B 74 -14.46 -12.93 21.37
N HIS B 75 -15.71 -12.51 21.17
CA HIS B 75 -15.99 -11.31 20.38
C HIS B 75 -15.41 -10.06 21.04
N ILE B 76 -15.56 -9.97 22.36
CA ILE B 76 -14.98 -8.81 23.07
C ILE B 76 -13.47 -8.83 22.97
N GLU B 77 -12.84 -9.99 23.16
CA GLU B 77 -11.39 -10.08 23.04
CA GLU B 77 -11.39 -10.08 23.04
C GLU B 77 -10.94 -9.67 21.65
N LEU B 78 -11.70 -10.05 20.63
CA LEU B 78 -11.36 -9.69 19.26
C LEU B 78 -11.40 -8.18 19.07
N LEU B 79 -12.51 -7.54 19.48
CA LEU B 79 -12.63 -6.09 19.29
C LEU B 79 -11.56 -5.35 20.08
N ARG B 80 -11.28 -5.79 21.30
CA ARG B 80 -10.23 -5.14 22.07
C ARG B 80 -8.89 -5.22 21.36
N TYR B 81 -8.63 -6.35 20.68
CA TYR B 81 -7.37 -6.50 19.95
C TYR B 81 -7.30 -5.54 18.78
N LEU B 82 -8.40 -5.40 18.03
CA LEU B 82 -8.44 -4.49 16.89
C LEU B 82 -8.31 -3.04 17.34
N GLN B 83 -8.90 -2.73 18.50
CA GLN B 83 -8.75 -1.42 19.12
C GLN B 83 -7.31 -1.17 19.55
N ASP B 84 -6.75 -2.09 20.34
CA ASP B 84 -5.47 -1.82 21.00
C ASP B 84 -4.29 -2.11 20.09
N GLU B 85 -4.25 -3.31 19.51
CA GLU B 85 -3.14 -3.65 18.62
CA GLU B 85 -3.15 -3.66 18.62
C GLU B 85 -3.35 -3.10 17.22
N GLY B 86 -4.58 -3.08 16.73
CA GLY B 86 -4.83 -2.57 15.39
C GLY B 86 -4.83 -1.05 15.31
N GLY B 87 -5.26 -0.38 16.39
CA GLY B 87 -5.41 1.06 16.33
C GLY B 87 -6.66 1.56 15.62
N ALA B 88 -7.71 0.75 15.55
CA ALA B 88 -8.96 1.15 14.93
C ALA B 88 -9.51 2.45 15.52
N ASP B 89 -10.19 3.24 14.69
CA ASP B 89 -10.85 4.48 15.13
C ASP B 89 -12.31 4.26 15.46
N PHE B 90 -12.93 3.29 14.80
CA PHE B 90 -14.30 2.88 15.03
C PHE B 90 -14.33 1.37 15.14
N LEU B 91 -15.32 0.84 15.87
CA LEU B 91 -15.41 -0.60 15.95
C LEU B 91 -16.70 -1.10 15.31
N PRO B 92 -16.64 -2.19 14.57
CA PRO B 92 -17.84 -2.86 14.10
C PRO B 92 -18.31 -3.89 15.12
N SER B 93 -19.50 -4.42 14.88
CA SER B 93 -19.78 -5.80 15.24
C SER B 93 -20.55 -6.37 14.07
N THR B 94 -19.88 -7.26 13.32
CA THR B 94 -20.44 -7.85 12.12
C THR B 94 -21.35 -9.01 12.51
N ILE B 95 -22.57 -8.94 12.05
CA ILE B 95 -23.64 -9.86 12.41
C ILE B 95 -23.54 -11.10 11.52
N ASP B 96 -23.75 -12.28 12.10
CA ASP B 96 -23.71 -13.53 11.33
C ASP B 96 -24.89 -13.61 10.36
N ALA B 97 -24.73 -14.50 9.36
CA ALA B 97 -25.71 -14.59 8.28
C ALA B 97 -27.02 -15.26 8.69
N TYR B 98 -27.04 -16.10 9.74
CA TYR B 98 -28.33 -16.63 10.19
C TYR B 98 -29.20 -15.52 10.78
N THR B 99 -28.59 -14.63 11.57
CA THR B 99 -29.34 -13.49 12.10
C THR B 99 -29.88 -12.65 10.96
N ARG B 100 -29.09 -12.47 9.89
CA ARG B 100 -29.52 -11.65 8.77
C ARG B 100 -30.74 -12.21 8.07
N GLN B 101 -30.95 -13.51 8.18
CA GLN B 101 -32.12 -14.18 7.62
C GLN B 101 -33.17 -14.47 8.70
N ASN B 102 -33.02 -13.88 9.89
CA ASN B 102 -33.97 -13.99 11.00
C ASN B 102 -34.13 -15.44 11.47
N ARG B 103 -33.07 -16.22 11.40
CA ARG B 103 -33.07 -17.62 11.82
C ARG B 103 -32.32 -17.75 13.14
N TYR B 104 -32.94 -17.21 14.21
CA TYR B 104 -32.27 -17.17 15.51
C TYR B 104 -32.14 -18.57 16.10
N ASP B 105 -32.96 -19.52 15.64
CA ASP B 105 -32.76 -20.92 16.02
C ASP B 105 -31.43 -21.45 15.52
N GLU B 106 -31.06 -21.10 14.28
CA GLU B 106 -29.77 -21.53 13.78
C GLU B 106 -28.62 -20.79 14.44
N CYS B 107 -28.81 -19.52 14.81
CA CYS B 107 -27.81 -18.81 15.61
C CYS B 107 -27.53 -19.57 16.90
N GLU B 108 -28.59 -19.99 17.60
CA GLU B 108 -28.45 -20.66 18.89
C GLU B 108 -27.67 -21.96 18.72
N ASN B 109 -28.03 -22.77 17.71
CA ASN B 109 -27.27 -23.99 17.45
C ASN B 109 -25.81 -23.67 17.13
N GLY B 110 -25.59 -22.60 16.35
CA GLY B 110 -24.22 -22.23 16.01
C GLY B 110 -23.44 -21.75 17.21
N ILE B 111 -24.10 -21.07 18.15
CA ILE B 111 -23.45 -20.71 19.40
C ILE B 111 -22.99 -21.95 20.16
N LYS B 112 -23.89 -22.93 20.29
CA LYS B 112 -23.54 -24.15 21.02
C LYS B 112 -22.41 -24.90 20.32
N GLU B 113 -22.50 -25.06 19.00
CA GLU B 113 -21.43 -25.75 18.26
CA GLU B 113 -21.43 -25.78 18.31
C GLU B 113 -20.11 -25.02 18.36
N SER B 114 -20.15 -23.68 18.40
CA SER B 114 -18.91 -22.91 18.53
C SER B 114 -18.27 -23.10 19.90
N GLU B 115 -19.09 -23.16 20.95
CA GLU B 115 -18.56 -23.46 22.27
C GLU B 115 -17.90 -24.84 22.29
N LYS B 116 -18.54 -25.84 21.67
CA LYS B 116 -17.98 -27.18 21.65
C LYS B 116 -16.68 -27.23 20.87
N ALA B 117 -16.63 -26.53 19.73
CA ALA B 117 -15.50 -26.61 18.83
C ALA B 117 -14.31 -25.77 19.26
N GLY B 118 -14.51 -24.78 20.12
CA GLY B 118 -13.40 -23.89 20.46
C GLY B 118 -13.06 -22.89 19.38
N ARG B 119 -13.98 -22.64 18.47
CA ARG B 119 -13.78 -21.69 17.38
C ARG B 119 -15.15 -21.35 16.83
N SER B 120 -15.24 -20.22 16.12
CA SER B 120 -16.54 -19.74 15.69
C SER B 120 -17.00 -20.50 14.45
N LEU B 121 -18.12 -21.21 14.56
CA LEU B 121 -18.76 -21.78 13.39
C LEU B 121 -19.73 -20.81 12.73
N LEU B 122 -20.02 -19.70 13.38
CA LEU B 122 -20.76 -18.60 12.76
C LEU B 122 -19.80 -17.61 12.12
N ASN B 123 -20.26 -16.98 11.04
CA ASN B 123 -19.46 -15.95 10.37
C ASN B 123 -19.71 -14.55 10.93
N GLY B 124 -20.24 -14.46 12.16
CA GLY B 124 -20.42 -13.17 12.77
C GLY B 124 -21.00 -13.30 14.16
N PHE B 125 -21.40 -12.16 14.71
CA PHE B 125 -21.88 -12.04 16.09
C PHE B 125 -23.40 -12.08 16.09
N PRO B 126 -24.04 -13.07 16.77
CA PRO B 126 -25.51 -13.19 16.76
C PRO B 126 -26.15 -12.23 17.76
N GLY B 127 -26.28 -10.97 17.33
CA GLY B 127 -26.64 -9.90 18.26
C GLY B 127 -28.04 -10.04 18.82
N VAL B 128 -28.98 -10.60 18.05
CA VAL B 128 -30.33 -10.78 18.58
C VAL B 128 -30.33 -11.84 19.67
N ASN B 129 -29.57 -12.92 19.47
CA ASN B 129 -29.51 -13.98 20.48
C ASN B 129 -28.79 -13.52 21.74
N HIS B 130 -27.74 -12.72 21.59
CA HIS B 130 -27.04 -12.19 22.76
C HIS B 130 -27.82 -11.09 23.44
N GLY B 131 -28.78 -10.46 22.75
CA GLY B 131 -29.69 -9.53 23.38
C GLY B 131 -29.06 -8.22 23.80
N VAL B 132 -29.87 -7.40 24.49
CA VAL B 132 -29.40 -6.10 24.96
C VAL B 132 -28.27 -6.30 25.96
N LYS B 133 -28.41 -7.30 26.85
CA LYS B 133 -27.38 -7.51 27.86
C LYS B 133 -26.04 -7.84 27.22
N GLY B 134 -26.03 -8.75 26.24
CA GLY B 134 -24.78 -9.07 25.57
C GLY B 134 -24.21 -7.90 24.81
N CYS B 135 -25.07 -7.14 24.12
CA CYS B 135 -24.57 -6.02 23.33
C CYS B 135 -24.00 -4.92 24.24
N ARG B 136 -24.59 -4.71 25.43
CA ARG B 136 -24.03 -3.73 26.35
C ARG B 136 -22.68 -4.17 26.88
N LYS B 137 -22.50 -5.47 27.11
CA LYS B 137 -21.20 -5.94 27.59
C LYS B 137 -20.11 -5.64 26.56
N VAL B 138 -20.44 -5.79 25.27
CA VAL B 138 -19.49 -5.42 24.23
C VAL B 138 -19.11 -3.95 24.33
N LEU B 139 -20.12 -3.06 24.38
CA LEU B 139 -19.84 -1.63 24.46
C LEU B 139 -19.02 -1.29 25.70
N GLU B 140 -19.39 -1.85 26.85
CA GLU B 140 -18.71 -1.51 28.09
C GLU B 140 -17.27 -2.01 28.13
N ALA B 141 -16.93 -2.99 27.30
CA ALA B 141 -15.58 -3.54 27.27
C ALA B 141 -14.64 -2.79 26.33
N VAL B 142 -15.16 -1.95 25.44
CA VAL B 142 -14.34 -1.26 24.45
C VAL B 142 -14.33 0.22 24.77
N ASN B 143 -13.45 0.96 24.07
CA ASN B 143 -13.25 2.38 24.28
CA ASN B 143 -13.32 2.40 24.30
C ASN B 143 -13.55 3.22 23.04
N LEU B 144 -14.27 2.64 22.07
CA LEU B 144 -14.54 3.27 20.79
C LEU B 144 -16.03 3.15 20.48
N PRO B 145 -16.56 3.98 19.59
CA PRO B 145 -17.97 3.83 19.20
C PRO B 145 -18.20 2.51 18.47
N LEU B 146 -19.42 1.97 18.60
CA LEU B 146 -19.78 0.69 18.03
C LEU B 146 -20.90 0.83 17.01
N GLN B 147 -20.79 0.06 15.92
CA GLN B 147 -21.75 0.07 14.82
C GLN B 147 -22.08 -1.36 14.42
N ALA B 148 -23.37 -1.67 14.27
CA ALA B 148 -23.77 -2.93 13.69
C ALA B 148 -23.51 -2.90 12.19
N ARG B 149 -22.72 -3.86 11.68
CA ARG B 149 -22.46 -4.01 10.26
C ARG B 149 -22.98 -5.37 9.82
N HIS B 150 -23.79 -5.40 8.76
CA HIS B 150 -24.47 -6.66 8.48
C HIS B 150 -24.98 -6.74 7.04
N GLY B 151 -26.25 -7.08 6.86
CA GLY B 151 -26.81 -7.27 5.54
C GLY B 151 -28.15 -7.96 5.64
N THR B 152 -29.12 -7.26 6.19
CA THR B 152 -30.34 -7.86 6.72
C THR B 152 -31.57 -7.20 6.10
N PRO B 153 -32.34 -7.92 5.28
CA PRO B 153 -33.56 -7.31 4.74
C PRO B 153 -34.54 -6.86 5.81
N ASP B 154 -34.76 -7.67 6.86
CA ASP B 154 -35.65 -7.34 7.98
C ASP B 154 -34.80 -7.23 9.24
N SER B 155 -34.37 -6.01 9.53
CA SER B 155 -33.44 -5.71 10.61
C SER B 155 -34.13 -5.02 11.80
N ARG B 156 -35.46 -5.09 11.86
CA ARG B 156 -36.19 -4.30 12.85
C ARG B 156 -35.81 -4.68 14.27
N LEU B 157 -35.88 -5.98 14.59
CA LEU B 157 -35.56 -6.43 15.94
C LEU B 157 -34.08 -6.24 16.24
N LEU B 158 -33.22 -6.55 15.26
CA LEU B 158 -31.79 -6.33 15.41
C LEU B 158 -31.50 -4.89 15.80
N ALA B 159 -32.16 -3.94 15.12
CA ALA B 159 -31.94 -2.54 15.40
C ALA B 159 -32.37 -2.17 16.82
N GLU B 160 -33.55 -2.64 17.24
CA GLU B 160 -34.01 -2.40 18.61
C GLU B 160 -32.97 -2.87 19.62
N ILE B 161 -32.43 -4.06 19.41
CA ILE B 161 -31.54 -4.64 20.40
C ILE B 161 -30.19 -3.93 20.39
N ILE B 162 -29.62 -3.66 19.21
CA ILE B 162 -28.27 -3.11 19.20
C ILE B 162 -28.26 -1.66 19.66
N HIS B 163 -29.32 -0.89 19.36
CA HIS B 163 -29.35 0.50 19.84
C HIS B 163 -29.61 0.56 21.34
N ALA B 164 -30.57 -0.23 21.83
CA ALA B 164 -30.73 -0.32 23.29
C ALA B 164 -29.48 -0.87 23.96
N GLY B 165 -28.67 -1.64 23.22
CA GLY B 165 -27.39 -2.12 23.69
C GLY B 165 -26.27 -1.12 23.64
N GLY B 166 -26.55 0.11 23.23
CA GLY B 166 -25.56 1.16 23.25
C GLY B 166 -24.74 1.29 21.99
N TRP B 167 -25.10 0.61 20.91
CA TRP B 167 -24.39 0.76 19.64
C TRP B 167 -25.00 1.94 18.91
N THR B 168 -24.19 2.93 18.59
CA THR B 168 -24.70 4.23 18.17
C THR B 168 -24.61 4.43 16.67
N SER B 169 -24.53 3.34 15.91
CA SER B 169 -24.68 3.38 14.46
C SER B 169 -25.25 2.05 13.98
N ASN B 170 -26.09 2.12 12.94
CA ASN B 170 -26.61 0.93 12.28
C ASN B 170 -26.38 1.11 10.79
N GLU B 171 -25.77 0.11 10.17
CA GLU B 171 -25.56 0.13 8.72
C GLU B 171 -26.78 -0.46 8.02
N GLY B 172 -27.05 0.03 6.81
CA GLY B 172 -27.98 -0.65 5.93
C GLY B 172 -29.01 0.27 5.32
N GLY B 173 -29.91 -0.32 4.56
CA GLY B 173 -31.02 0.40 3.95
C GLY B 173 -31.91 -0.57 3.21
N GLY B 174 -33.08 -0.08 2.80
CA GLY B 174 -34.10 -0.93 2.19
C GLY B 174 -33.74 -1.44 0.81
N ILE B 175 -32.81 -0.80 0.12
CA ILE B 175 -32.28 -1.33 -1.14
C ILE B 175 -30.99 -2.10 -0.92
N SER B 176 -30.03 -1.46 -0.24
CA SER B 176 -28.68 -1.99 -0.18
C SER B 176 -28.57 -3.19 0.76
N TYR B 177 -29.48 -3.36 1.71
CA TYR B 177 -29.53 -4.58 2.51
C TYR B 177 -30.65 -5.52 2.06
N ASN B 178 -31.16 -5.33 0.85
CA ASN B 178 -32.05 -6.30 0.21
C ASN B 178 -31.35 -6.91 -1.00
N VAL B 179 -31.15 -6.13 -2.07
CA VAL B 179 -30.80 -6.70 -3.37
C VAL B 179 -29.50 -7.50 -3.34
N PRO B 180 -28.42 -7.08 -2.66
CA PRO B 180 -27.22 -7.93 -2.60
C PRO B 180 -27.33 -9.12 -1.64
N TYR B 181 -28.41 -9.17 -0.83
CA TYR B 181 -28.44 -9.99 0.37
C TYR B 181 -29.66 -10.91 0.44
N ALA B 182 -30.48 -10.97 -0.60
CA ALA B 182 -31.76 -11.66 -0.52
C ALA B 182 -32.16 -12.10 -1.92
N LYS B 183 -33.03 -13.11 -1.98
CA LYS B 183 -33.57 -13.49 -3.27
C LYS B 183 -35.07 -13.28 -3.39
N ASN B 184 -35.82 -13.34 -2.29
CA ASN B 184 -37.28 -13.41 -2.36
C ASN B 184 -38.00 -12.27 -1.64
N VAL B 185 -37.29 -11.24 -1.19
CA VAL B 185 -37.91 -10.15 -0.44
C VAL B 185 -38.30 -9.04 -1.42
N THR B 186 -39.56 -8.63 -1.38
CA THR B 186 -39.96 -7.54 -2.27
C THR B 186 -39.25 -6.26 -1.86
N ILE B 187 -39.05 -5.37 -2.85
CA ILE B 187 -38.48 -4.07 -2.55
C ILE B 187 -39.42 -3.29 -1.65
N GLU B 188 -40.73 -3.44 -1.86
CA GLU B 188 -41.69 -2.74 -0.99
C GLU B 188 -41.51 -3.15 0.47
N LYS B 189 -41.35 -4.45 0.73
CA LYS B 189 -41.24 -4.93 2.10
C LYS B 189 -39.94 -4.49 2.76
N SER B 190 -38.80 -4.60 2.04
CA SER B 190 -37.56 -4.15 2.67
C SER B 190 -37.55 -2.64 2.89
N LEU B 191 -38.17 -1.88 2.00
CA LEU B 191 -38.26 -0.44 2.23
C LEU B 191 -39.11 -0.14 3.46
N LEU B 192 -40.21 -0.89 3.64
CA LEU B 192 -41.05 -0.69 4.82
C LEU B 192 -40.31 -1.06 6.09
N ASP B 193 -39.58 -2.17 6.07
CA ASP B 193 -38.87 -2.60 7.28
C ASP B 193 -37.68 -1.69 7.57
N TRP B 194 -37.06 -1.12 6.54
CA TRP B 194 -36.01 -0.15 6.83
C TRP B 194 -36.56 1.22 7.22
N GLN B 195 -37.80 1.55 6.82
CA GLN B 195 -38.45 2.71 7.43
C GLN B 195 -38.53 2.56 8.94
N TYR B 196 -38.83 1.34 9.43
CA TYR B 196 -38.82 1.10 10.88
C TYR B 196 -37.46 1.43 11.49
N CYS B 197 -36.39 0.90 10.88
CA CYS B 197 -35.05 1.11 11.43
C CYS B 197 -34.69 2.58 11.45
N ASP B 198 -35.04 3.29 10.37
CA ASP B 198 -34.83 4.73 10.32
C ASP B 198 -35.71 5.46 11.32
N ARG B 199 -36.97 5.03 11.45
CA ARG B 199 -37.90 5.69 12.36
C ARG B 199 -37.49 5.49 13.81
N LEU B 200 -36.85 4.35 14.12
CA LEU B 200 -36.32 4.14 15.46
C LEU B 200 -35.22 5.14 15.77
N VAL B 201 -34.29 5.32 14.82
CA VAL B 201 -33.28 6.35 14.99
C VAL B 201 -33.92 7.73 15.09
N GLY B 202 -34.99 7.94 14.31
CA GLY B 202 -35.73 9.20 14.41
C GLY B 202 -36.29 9.44 15.81
N PHE B 203 -36.82 8.39 16.44
CA PHE B 203 -37.33 8.52 17.81
C PHE B 203 -36.20 8.91 18.76
N TYR B 204 -35.05 8.22 18.66
CA TYR B 204 -33.94 8.53 19.53
C TYR B 204 -33.47 9.97 19.35
N GLU B 205 -33.35 10.43 18.10
CA GLU B 205 -32.94 11.82 17.86
C GLU B 205 -33.93 12.80 18.50
N GLU B 206 -35.22 12.48 18.46
CA GLU B 206 -36.23 13.32 19.11
C GLU B 206 -36.04 13.38 20.61
N GLN B 207 -35.42 12.37 21.21
CA GLN B 207 -35.10 12.43 22.63
C GLN B 207 -33.74 13.06 22.90
N GLY B 208 -33.01 13.47 21.87
CA GLY B 208 -31.68 14.01 22.05
C GLY B 208 -30.56 13.00 22.02
N VAL B 209 -30.81 11.77 21.57
CA VAL B 209 -29.79 10.73 21.44
C VAL B 209 -29.35 10.69 19.97
N HIS B 210 -28.05 10.82 19.74
CA HIS B 210 -27.54 10.93 18.36
C HIS B 210 -27.03 9.57 17.91
N ILE B 211 -27.57 9.08 16.80
CA ILE B 211 -27.25 7.76 16.28
C ILE B 211 -27.05 7.86 14.77
N ASN B 212 -25.94 7.30 14.28
CA ASN B 212 -25.59 7.36 12.87
C ASN B 212 -26.25 6.24 12.08
N ARG B 213 -26.55 6.53 10.80
CA ARG B 213 -27.03 5.53 9.87
C ARG B 213 -26.16 5.54 8.63
N GLU B 214 -25.83 4.36 8.12
CA GLU B 214 -24.92 4.21 7.00
C GLU B 214 -25.51 3.31 5.93
N PRO B 215 -26.13 3.86 4.88
CA PRO B 215 -26.48 3.05 3.71
C PRO B 215 -25.26 2.32 3.16
N PHE B 216 -25.48 1.10 2.66
CA PHE B 216 -24.39 0.22 2.22
C PHE B 216 -24.07 0.46 0.75
N GLY B 217 -23.18 1.42 0.49
CA GLY B 217 -22.83 1.81 -0.85
C GLY B 217 -22.42 0.71 -1.82
N PRO B 218 -21.49 -0.18 -1.40
CA PRO B 218 -20.89 -1.13 -2.36
C PRO B 218 -21.84 -2.14 -2.99
N LEU B 219 -23.00 -2.41 -2.38
CA LEU B 219 -24.02 -3.31 -2.96
C LEU B 219 -23.38 -4.67 -3.20
N THR B 220 -23.32 -5.17 -4.44
CA THR B 220 -22.78 -6.50 -4.70
C THR B 220 -21.26 -6.53 -4.76
N GLY B 221 -20.59 -5.38 -4.61
CA GLY B 221 -19.14 -5.34 -4.62
C GLY B 221 -18.52 -5.74 -5.93
N THR B 222 -19.32 -5.80 -7.01
CA THR B 222 -18.88 -6.36 -8.29
C THR B 222 -19.18 -5.38 -9.43
N LEU B 223 -18.21 -4.52 -9.71
CA LEU B 223 -18.24 -3.59 -10.86
C LEU B 223 -19.51 -2.74 -10.87
N VAL B 224 -19.88 -2.19 -9.72
CA VAL B 224 -21.08 -1.36 -9.67
C VAL B 224 -20.75 0.03 -10.23
N PRO B 225 -21.37 0.49 -11.31
CA PRO B 225 -21.07 1.83 -11.82
C PRO B 225 -21.37 2.88 -10.77
N PRO B 226 -20.49 3.87 -10.62
CA PRO B 226 -20.69 4.91 -9.60
C PRO B 226 -22.07 5.57 -9.63
N SER B 227 -22.61 5.88 -10.82
CA SER B 227 -23.90 6.56 -10.85
C SER B 227 -25.02 5.69 -10.30
N MET B 228 -24.96 4.37 -10.50
CA MET B 228 -26.00 3.51 -9.96
C MET B 228 -25.85 3.34 -8.45
N SER B 229 -24.61 3.13 -8.00
CA SER B 229 -24.33 3.08 -6.57
C SER B 229 -24.78 4.35 -5.87
N ASN B 230 -24.43 5.52 -6.42
CA ASN B 230 -24.78 6.78 -5.78
C ASN B 230 -26.28 7.02 -5.79
N ALA B 231 -26.97 6.61 -6.85
CA ALA B 231 -28.43 6.76 -6.89
C ALA B 231 -29.06 6.00 -5.72
N VAL B 232 -28.56 4.80 -5.43
CA VAL B 232 -29.07 4.04 -4.29
C VAL B 232 -28.80 4.78 -2.98
N GLY B 233 -27.55 5.20 -2.80
CA GLY B 233 -27.18 5.83 -1.53
C GLY B 233 -27.93 7.13 -1.27
N ILE B 234 -28.06 7.98 -2.29
CA ILE B 234 -28.84 9.19 -2.16
C ILE B 234 -30.29 8.86 -1.81
N THR B 235 -30.85 7.85 -2.48
CA THR B 235 -32.21 7.41 -2.18
C THR B 235 -32.36 6.98 -0.73
N GLU B 236 -31.46 6.12 -0.26
CA GLU B 236 -31.57 5.65 1.12
C GLU B 236 -31.36 6.79 2.12
N ALA B 237 -30.49 7.75 1.81
CA ALA B 237 -30.35 8.92 2.67
C ALA B 237 -31.64 9.73 2.74
N LEU B 238 -32.28 9.93 1.58
CA LEU B 238 -33.54 10.69 1.57
C LEU B 238 -34.64 9.95 2.32
N LEU B 239 -34.73 8.63 2.13
CA LEU B 239 -35.75 7.85 2.84
C LEU B 239 -35.48 7.81 4.33
N ALA B 240 -34.22 7.81 4.73
CA ALA B 240 -33.90 7.85 6.16
C ALA B 240 -34.24 9.21 6.76
N ALA B 241 -33.88 10.30 6.06
CA ALA B 241 -34.13 11.63 6.60
C ALA B 241 -35.62 11.86 6.84
N GLU B 242 -36.47 11.32 5.97
CA GLU B 242 -37.91 11.50 6.14
C GLU B 242 -38.42 10.88 7.45
N GLN B 243 -37.78 9.81 7.92
CA GLN B 243 -38.17 9.19 9.18
C GLN B 243 -37.53 9.83 10.40
N GLY B 244 -36.71 10.87 10.22
CA GLY B 244 -36.14 11.65 11.31
C GLY B 244 -34.66 11.45 11.54
N VAL B 245 -33.96 10.69 10.68
CA VAL B 245 -32.53 10.47 10.86
C VAL B 245 -31.78 11.76 10.58
N LYS B 246 -30.78 12.05 11.43
CA LYS B 246 -30.06 13.32 11.37
C LYS B 246 -28.57 13.19 11.12
N ASN B 247 -28.01 11.98 11.19
CA ASN B 247 -26.58 11.77 11.05
C ASN B 247 -26.40 10.58 10.12
N ILE B 248 -25.92 10.83 8.89
CA ILE B 248 -25.92 9.84 7.82
C ILE B 248 -24.54 9.80 7.18
N THR B 249 -23.99 8.59 7.06
CA THR B 249 -22.75 8.34 6.31
C THR B 249 -23.14 7.63 5.03
N VAL B 250 -23.00 8.30 3.87
CA VAL B 250 -23.23 7.64 2.60
C VAL B 250 -21.94 6.98 2.14
N GLY B 251 -22.07 5.82 1.50
CA GLY B 251 -20.92 5.00 1.19
C GLY B 251 -20.69 4.75 -0.28
N TYR B 252 -19.47 4.35 -0.62
CA TYR B 252 -19.10 4.03 -1.99
C TYR B 252 -18.03 2.96 -1.97
N GLY B 253 -18.16 1.99 -2.87
CA GLY B 253 -17.16 0.92 -2.99
C GLY B 253 -16.18 1.22 -4.11
N GLU B 254 -14.90 1.09 -3.78
CA GLU B 254 -13.82 1.33 -4.75
C GLU B 254 -14.06 0.59 -6.06
N CYS B 255 -13.95 1.31 -7.18
CA CYS B 255 -13.85 0.68 -8.49
C CYS B 255 -12.41 0.55 -8.97
N GLY B 256 -11.48 1.44 -8.56
CA GLY B 256 -10.06 1.23 -8.74
C GLY B 256 -9.36 2.31 -9.55
N ASN B 257 -10.07 2.98 -10.45
CA ASN B 257 -9.51 4.15 -11.12
C ASN B 257 -9.60 5.32 -10.15
N MET B 258 -8.46 5.89 -9.78
CA MET B 258 -8.43 6.85 -8.68
C MET B 258 -9.32 8.05 -8.97
N ILE B 259 -9.25 8.60 -10.18
CA ILE B 259 -10.05 9.77 -10.50
C ILE B 259 -11.54 9.41 -10.51
N GLN B 260 -11.92 8.28 -11.11
CA GLN B 260 -13.32 7.89 -11.05
C GLN B 260 -13.80 7.73 -9.61
N ASP B 261 -12.98 7.10 -8.76
CA ASP B 261 -13.40 6.84 -7.38
C ASP B 261 -13.54 8.13 -6.60
N ILE B 262 -12.58 9.04 -6.75
CA ILE B 262 -12.69 10.33 -6.08
C ILE B 262 -13.87 11.12 -6.61
N ALA B 263 -14.05 11.15 -7.93
CA ALA B 263 -15.24 11.75 -8.51
C ALA B 263 -16.52 11.16 -7.91
N ALA B 264 -16.55 9.83 -7.76
CA ALA B 264 -17.75 9.17 -7.26
C ALA B 264 -18.06 9.61 -5.83
N LEU B 265 -17.04 9.61 -4.97
CA LEU B 265 -17.29 9.96 -3.57
C LEU B 265 -17.67 11.42 -3.44
N ARG B 266 -17.05 12.31 -4.22
CA ARG B 266 -17.40 13.71 -4.11
C ARG B 266 -18.79 13.97 -4.68
N CYS B 267 -19.14 13.32 -5.79
CA CYS B 267 -20.50 13.46 -6.32
C CYS B 267 -21.52 12.94 -5.34
N LEU B 268 -21.22 11.80 -4.70
CA LEU B 268 -22.13 11.22 -3.72
C LEU B 268 -22.40 12.20 -2.58
N GLU B 269 -21.33 12.78 -2.02
CA GLU B 269 -21.51 13.69 -0.90
C GLU B 269 -22.24 14.96 -1.34
N GLU B 270 -21.81 15.52 -2.48
CA GLU B 270 -22.41 16.77 -2.95
C GLU B 270 -23.88 16.57 -3.29
N GLN B 271 -24.21 15.52 -4.03
CA GLN B 271 -25.60 15.35 -4.42
C GLN B 271 -26.46 14.88 -3.25
N THR B 272 -25.91 14.14 -2.30
CA THR B 272 -26.67 13.82 -1.09
C THR B 272 -27.07 15.09 -0.35
N ASN B 273 -26.12 15.99 -0.11
CA ASN B 273 -26.46 17.26 0.54
C ASN B 273 -27.44 18.07 -0.33
N GLU B 274 -27.20 18.11 -1.63
CA GLU B 274 -28.07 18.88 -2.53
C GLU B 274 -29.52 18.36 -2.48
N TYR B 275 -29.69 17.04 -2.57
CA TYR B 275 -31.03 16.46 -2.54
C TYR B 275 -31.69 16.60 -1.17
N LEU B 276 -30.93 16.40 -0.09
CA LEU B 276 -31.51 16.58 1.23
C LEU B 276 -32.08 17.98 1.39
N LYS B 277 -31.29 18.99 1.05
CA LYS B 277 -31.74 20.37 1.19
C LYS B 277 -32.88 20.68 0.23
N ALA B 278 -32.84 20.15 -1.00
CA ALA B 278 -33.91 20.39 -1.94
C ALA B 278 -35.25 19.85 -1.45
N TYR B 279 -35.23 18.77 -0.68
CA TYR B 279 -36.46 18.20 -0.15
C TYR B 279 -36.74 18.61 1.29
N GLY B 280 -36.04 19.62 1.79
CA GLY B 280 -36.38 20.26 3.05
C GLY B 280 -35.73 19.67 4.28
N TYR B 281 -34.76 18.77 4.14
CA TYR B 281 -34.07 18.20 5.30
C TYR B 281 -32.80 19.02 5.51
N ASN B 282 -32.89 20.02 6.40
CA ASN B 282 -31.85 21.04 6.53
C ASN B 282 -30.95 20.85 7.75
N ASP B 283 -31.14 19.78 8.53
CA ASP B 283 -30.35 19.55 9.74
C ASP B 283 -29.72 18.17 9.73
N VAL B 284 -29.29 17.69 8.57
CA VAL B 284 -28.70 16.37 8.45
C VAL B 284 -27.19 16.54 8.30
N PHE B 285 -26.43 15.90 9.17
CA PHE B 285 -24.98 15.92 9.10
C PHE B 285 -24.51 14.74 8.25
N VAL B 286 -23.94 15.02 7.08
CA VAL B 286 -23.57 13.98 6.12
C VAL B 286 -22.07 13.78 6.15
N THR B 287 -21.64 12.51 6.23
CA THR B 287 -20.26 12.10 6.10
C THR B 287 -20.17 11.02 5.03
N THR B 288 -18.94 10.62 4.70
CA THR B 288 -18.73 9.63 3.65
C THR B 288 -17.91 8.45 4.17
N VAL B 289 -18.15 7.28 3.59
CA VAL B 289 -17.32 6.12 3.85
C VAL B 289 -16.88 5.51 2.51
N PHE B 290 -15.58 5.25 2.40
CA PHE B 290 -14.99 4.63 1.23
C PHE B 290 -14.63 3.20 1.59
N HIS B 291 -15.15 2.23 0.84
CA HIS B 291 -14.83 0.82 1.09
C HIS B 291 -13.67 0.42 0.22
N GLN B 292 -12.61 -0.07 0.84
CA GLN B 292 -11.53 -0.71 0.10
C GLN B 292 -12.12 -1.83 -0.75
N TRP B 293 -11.55 -2.01 -1.95
CA TRP B 293 -11.91 -3.00 -2.96
C TRP B 293 -12.79 -4.14 -2.45
N MET B 294 -14.04 -4.19 -2.90
CA MET B 294 -15.00 -5.17 -2.41
C MET B 294 -15.16 -6.38 -3.35
N GLY B 295 -14.36 -6.48 -4.41
CA GLY B 295 -14.37 -7.63 -5.29
C GLY B 295 -13.41 -8.71 -4.83
N GLY B 296 -13.21 -9.71 -5.68
CA GLY B 296 -12.32 -10.80 -5.34
C GLY B 296 -10.90 -10.29 -5.07
N PHE B 297 -10.28 -10.81 -3.99
CA PHE B 297 -8.93 -10.43 -3.60
C PHE B 297 -7.90 -11.42 -4.12
N PRO B 298 -6.66 -10.98 -4.32
CA PRO B 298 -5.57 -11.95 -4.52
C PRO B 298 -5.34 -12.73 -3.24
N GLN B 299 -4.96 -13.99 -3.39
CA GLN B 299 -4.71 -14.80 -2.19
C GLN B 299 -3.35 -14.51 -1.56
N ASP B 300 -2.37 -14.11 -2.37
CA ASP B 300 -1.07 -13.77 -1.82
C ASP B 300 -1.19 -12.56 -0.89
N GLU B 301 -0.66 -12.68 0.33
CA GLU B 301 -0.87 -11.63 1.32
C GLU B 301 -0.14 -10.34 0.97
N SER B 302 1.02 -10.42 0.33
CA SER B 302 1.70 -9.20 -0.11
C SER B 302 0.90 -8.48 -1.19
N LYS B 303 0.37 -9.23 -2.15
CA LYS B 303 -0.53 -8.62 -3.13
C LYS B 303 -1.76 -8.03 -2.45
N ALA B 304 -2.28 -8.71 -1.42
CA ALA B 304 -3.43 -8.16 -0.69
C ALA B 304 -3.11 -6.79 -0.10
N PHE B 305 -1.89 -6.62 0.46
CA PHE B 305 -1.52 -5.30 0.96
C PHE B 305 -1.45 -4.28 -0.16
N GLY B 306 -0.99 -4.71 -1.34
CA GLY B 306 -1.05 -3.83 -2.50
C GLY B 306 -2.46 -3.28 -2.75
N VAL B 307 -3.47 -4.12 -2.59
CA VAL B 307 -4.86 -3.67 -2.78
C VAL B 307 -5.30 -2.79 -1.61
N ILE B 308 -5.07 -3.26 -0.39
CA ILE B 308 -5.49 -2.53 0.82
C ILE B 308 -4.95 -1.10 0.79
N VAL B 309 -3.67 -0.94 0.48
CA VAL B 309 -3.04 0.37 0.68
C VAL B 309 -3.26 1.29 -0.54
N THR B 310 -3.33 0.76 -1.76
CA THR B 310 -3.74 1.62 -2.86
C THR B 310 -5.17 2.11 -2.64
N ALA B 311 -6.04 1.22 -2.20
CA ALA B 311 -7.41 1.61 -1.87
C ALA B 311 -7.43 2.70 -0.80
N THR B 312 -6.59 2.57 0.22
CA THR B 312 -6.56 3.57 1.29
C THR B 312 -6.07 4.92 0.77
N THR B 313 -5.10 4.91 -0.15
CA THR B 313 -4.61 6.15 -0.73
C THR B 313 -5.74 6.87 -1.48
N ILE B 314 -6.56 6.12 -2.21
CA ILE B 314 -7.70 6.73 -2.90
C ILE B 314 -8.66 7.35 -1.89
N ALA B 315 -8.97 6.62 -0.81
CA ALA B 315 -9.87 7.15 0.22
C ALA B 315 -9.33 8.43 0.82
N ALA B 316 -8.04 8.45 1.15
CA ALA B 316 -7.43 9.61 1.80
C ALA B 316 -7.49 10.84 0.88
N LEU B 317 -7.06 10.67 -0.37
CA LEU B 317 -7.08 11.80 -1.29
C LEU B 317 -8.50 12.21 -1.65
N ALA B 318 -9.48 11.29 -1.53
CA ALA B 318 -10.88 11.64 -1.74
C ALA B 318 -11.45 12.48 -0.62
N GLY B 319 -10.80 12.50 0.54
CA GLY B 319 -11.36 13.17 1.69
C GLY B 319 -12.48 12.40 2.37
N ALA B 320 -12.45 11.07 2.30
CA ALA B 320 -13.47 10.25 2.94
C ALA B 320 -13.42 10.44 4.45
N THR B 321 -14.60 10.44 5.08
CA THR B 321 -14.62 10.52 6.54
C THR B 321 -14.19 9.20 7.16
N LYS B 322 -14.49 8.09 6.50
CA LYS B 322 -14.24 6.77 7.06
C LYS B 322 -13.75 5.87 5.93
N VAL B 323 -12.87 4.93 6.24
CA VAL B 323 -12.49 3.90 5.27
C VAL B 323 -12.66 2.54 5.93
N ILE B 324 -13.25 1.59 5.20
CA ILE B 324 -13.46 0.24 5.75
C ILE B 324 -12.30 -0.66 5.33
N VAL B 325 -11.72 -1.34 6.31
CA VAL B 325 -10.45 -2.03 6.18
C VAL B 325 -10.68 -3.47 5.72
N LYS B 326 -10.01 -3.86 4.63
CA LYS B 326 -9.85 -5.25 4.20
C LYS B 326 -8.59 -5.84 4.81
N THR B 327 -8.50 -7.17 4.84
CA THR B 327 -7.38 -7.87 5.45
C THR B 327 -6.70 -8.80 4.45
N PRO B 328 -5.47 -9.24 4.75
CA PRO B 328 -4.79 -10.19 3.85
C PRO B 328 -5.46 -11.55 3.75
N HIS B 329 -6.44 -11.85 4.61
CA HIS B 329 -7.17 -13.12 4.53
C HIS B 329 -8.41 -13.05 3.65
N GLU B 330 -8.65 -11.91 2.99
CA GLU B 330 -9.90 -11.71 2.27
C GLU B 330 -10.22 -12.84 1.29
N ALA B 331 -9.23 -13.31 0.53
CA ALA B 331 -9.51 -14.36 -0.45
C ALA B 331 -9.90 -15.69 0.19
N ILE B 332 -9.57 -15.90 1.47
CA ILE B 332 -9.58 -17.23 2.08
C ILE B 332 -10.74 -17.39 3.07
N GLY B 333 -10.81 -16.54 4.09
CA GLY B 333 -11.87 -16.70 5.08
C GLY B 333 -11.84 -15.59 6.10
N ILE B 334 -12.81 -15.64 7.01
CA ILE B 334 -12.93 -14.65 8.08
C ILE B 334 -11.56 -14.43 8.71
N PRO B 335 -11.07 -13.20 8.78
CA PRO B 335 -9.69 -12.97 9.24
C PRO B 335 -9.51 -13.35 10.71
N THR B 336 -8.32 -13.85 11.02
CA THR B 336 -7.87 -13.86 12.40
C THR B 336 -7.76 -12.43 12.93
N LYS B 337 -7.69 -12.30 14.26
CA LYS B 337 -7.49 -10.98 14.85
C LYS B 337 -6.16 -10.39 14.42
N GLU B 338 -5.15 -11.24 14.20
CA GLU B 338 -3.84 -10.78 13.74
C GLU B 338 -3.89 -10.28 12.29
N ALA B 339 -4.55 -11.03 11.40
CA ALA B 339 -4.66 -10.59 10.02
C ALA B 339 -5.48 -9.30 9.93
N ASN B 340 -6.49 -9.18 10.77
CA ASN B 340 -7.30 -7.97 10.77
C ASN B 340 -6.49 -6.78 11.29
N ALA B 341 -5.78 -6.95 12.41
CA ALA B 341 -4.92 -5.88 12.90
C ALA B 341 -3.87 -5.49 11.87
N ALA B 342 -3.35 -6.47 11.12
CA ALA B 342 -2.39 -6.17 10.05
C ALA B 342 -3.01 -5.24 9.01
N GLY B 343 -4.25 -5.54 8.58
CA GLY B 343 -4.94 -4.66 7.66
C GLY B 343 -5.18 -3.27 8.21
N ILE B 344 -5.59 -3.17 9.48
CA ILE B 344 -5.82 -1.86 10.09
C ILE B 344 -4.52 -1.08 10.19
N LYS B 345 -3.43 -1.74 10.58
CA LYS B 345 -2.17 -1.04 10.72
C LYS B 345 -1.66 -0.52 9.38
N ALA B 346 -1.78 -1.32 8.32
CA ALA B 346 -1.35 -0.84 7.01
C ALA B 346 -2.20 0.33 6.55
N THR B 347 -3.52 0.25 6.80
CA THR B 347 -4.44 1.31 6.40
C THR B 347 -4.13 2.60 7.15
N LYS B 348 -4.00 2.53 8.46
CA LYS B 348 -3.74 3.74 9.23
C LYS B 348 -2.36 4.30 8.94
N MET B 349 -1.37 3.45 8.66
CA MET B 349 -0.06 3.96 8.26
C MET B 349 -0.19 4.77 6.98
N ALA B 350 -0.91 4.23 6.00
CA ALA B 350 -1.13 4.94 4.75
C ALA B 350 -1.87 6.25 4.98
N LEU B 351 -2.91 6.24 5.81
CA LEU B 351 -3.62 7.48 6.13
C LEU B 351 -2.68 8.51 6.74
N ASN B 352 -1.84 8.08 7.69
CA ASN B 352 -0.95 9.02 8.37
C ASN B 352 0.18 9.48 7.45
N MET B 353 0.54 8.66 6.46
CA MET B 353 1.52 9.09 5.47
C MET B 353 0.95 10.10 4.49
N LEU B 354 -0.36 10.30 4.50
CA LEU B 354 -1.02 11.21 3.58
C LEU B 354 -1.77 12.33 4.30
N GLU B 355 -1.42 12.59 5.56
CA GLU B 355 -2.19 13.50 6.41
C GLU B 355 -2.44 14.83 5.72
N GLY B 356 -3.72 15.21 5.63
CA GLY B 356 -4.13 16.47 5.04
C GLY B 356 -4.08 16.54 3.53
N GLN B 357 -3.55 15.53 2.86
CA GLN B 357 -3.42 15.60 1.41
C GLN B 357 -4.74 15.27 0.73
N ARG B 358 -5.08 16.06 -0.29
CA ARG B 358 -6.31 15.88 -1.06
C ARG B 358 -5.98 15.95 -2.53
N MET B 359 -6.70 15.17 -3.33
CA MET B 359 -6.59 15.30 -4.76
C MET B 359 -7.06 16.68 -5.18
N PRO B 360 -6.23 17.50 -5.83
CA PRO B 360 -6.69 18.82 -6.30
C PRO B 360 -7.60 18.67 -7.50
N MET B 361 -8.32 19.75 -7.82
CA MET B 361 -9.23 19.70 -8.95
C MET B 361 -8.46 19.71 -10.26
N SER B 362 -8.98 18.97 -11.24
CA SER B 362 -8.42 18.92 -12.57
C SER B 362 -9.57 18.90 -13.57
N LYS B 363 -9.23 19.16 -14.83
CA LYS B 363 -10.23 19.02 -15.89
C LYS B 363 -10.73 17.59 -15.97
N GLU B 364 -9.82 16.62 -15.84
CA GLU B 364 -10.21 15.21 -15.85
CA GLU B 364 -10.20 15.22 -15.85
C GLU B 364 -11.20 14.91 -14.73
N LEU B 365 -10.93 15.40 -13.53
CA LEU B 365 -11.84 15.15 -12.42
C LEU B 365 -13.18 15.86 -12.64
N GLU B 366 -13.12 17.12 -13.10
CA GLU B 366 -14.35 17.87 -13.34
C GLU B 366 -15.22 17.17 -14.38
N THR B 367 -14.60 16.65 -15.44
CA THR B 367 -15.35 15.94 -16.48
C THR B 367 -16.02 14.69 -15.93
N GLU B 368 -15.28 13.90 -15.14
CA GLU B 368 -15.87 12.66 -14.61
C GLU B 368 -16.97 12.97 -13.61
N MET B 369 -16.82 14.03 -12.82
CA MET B 369 -17.89 14.40 -11.88
C MET B 369 -19.15 14.80 -12.64
N ALA B 370 -19.00 15.53 -13.76
CA ALA B 370 -20.18 15.90 -14.54
C ALA B 370 -20.87 14.67 -15.11
N VAL B 371 -20.09 13.70 -15.60
CA VAL B 371 -20.68 12.45 -16.10
C VAL B 371 -21.46 11.76 -15.00
N ILE B 372 -20.86 11.61 -13.82
CA ILE B 372 -21.51 10.87 -12.74
C ILE B 372 -22.77 11.59 -12.28
N LYS B 373 -22.69 12.92 -12.09
CA LYS B 373 -23.88 13.64 -11.64
C LYS B 373 -25.00 13.54 -12.66
N ALA B 374 -24.66 13.62 -13.96
CA ALA B 374 -25.69 13.58 -14.99
C ALA B 374 -26.32 12.20 -15.08
N GLU B 375 -25.52 11.13 -14.98
CA GLU B 375 -26.07 9.78 -14.98
C GLU B 375 -26.94 9.56 -13.74
N THR B 376 -26.46 9.98 -12.57
CA THR B 376 -27.24 9.81 -11.35
C THR B 376 -28.55 10.57 -11.42
N LYS B 377 -28.52 11.78 -11.98
CA LYS B 377 -29.74 12.58 -12.08
C LYS B 377 -30.76 11.92 -13.00
N CYS B 378 -30.31 11.29 -14.09
CA CYS B 378 -31.23 10.54 -14.95
C CYS B 378 -32.00 9.51 -14.17
N ILE B 379 -31.31 8.78 -13.28
CA ILE B 379 -31.94 7.70 -12.55
C ILE B 379 -32.91 8.24 -11.51
N LEU B 380 -32.45 9.21 -10.71
CA LEU B 380 -33.31 9.78 -9.67
C LEU B 380 -34.49 10.52 -10.27
N ASP B 381 -34.27 11.29 -11.34
CA ASP B 381 -35.39 11.96 -12.01
C ASP B 381 -36.48 10.95 -12.37
N LYS B 382 -36.07 9.83 -12.96
CA LYS B 382 -37.05 8.84 -13.41
CA LYS B 382 -37.05 8.84 -13.41
C LYS B 382 -37.75 8.18 -12.23
N MET B 383 -37.02 7.93 -11.14
CA MET B 383 -37.63 7.39 -9.94
C MET B 383 -38.72 8.33 -9.41
N PHE B 384 -38.41 9.62 -9.32
CA PHE B 384 -39.42 10.55 -8.84
C PHE B 384 -40.61 10.60 -9.78
N GLU B 385 -40.36 10.50 -11.09
CA GLU B 385 -41.45 10.47 -12.05
C GLU B 385 -42.32 9.22 -11.86
N LEU B 386 -41.70 8.04 -11.78
CA LEU B 386 -42.47 6.83 -11.58
C LEU B 386 -43.26 6.85 -10.28
N GLY B 387 -42.72 7.47 -9.23
CA GLY B 387 -43.43 7.52 -7.97
C GLY B 387 -44.42 8.67 -7.85
N LYS B 388 -44.63 9.42 -8.93
CA LYS B 388 -45.45 10.62 -8.90
C LYS B 388 -45.04 11.53 -7.75
N GLY B 389 -43.72 11.67 -7.56
CA GLY B 389 -43.17 12.48 -6.51
C GLY B 389 -42.79 11.75 -5.23
N ASP B 390 -43.23 10.50 -5.07
CA ASP B 390 -42.93 9.70 -3.89
C ASP B 390 -41.74 8.80 -4.21
N LEU B 391 -40.59 9.07 -3.57
CA LEU B 391 -39.37 8.35 -3.92
C LEU B 391 -39.43 6.89 -3.50
N ALA B 392 -40.18 6.58 -2.44
CA ALA B 392 -40.30 5.18 -2.01
C ALA B 392 -41.08 4.36 -3.03
N ILE B 393 -42.26 4.85 -3.41
CA ILE B 393 -43.01 4.20 -4.48
C ILE B 393 -42.19 4.18 -5.76
N GLY B 394 -41.46 5.28 -6.03
CA GLY B 394 -40.64 5.33 -7.24
C GLY B 394 -39.54 4.30 -7.26
N THR B 395 -38.99 3.97 -6.09
CA THR B 395 -37.97 2.93 -6.00
C THR B 395 -38.54 1.56 -6.33
N VAL B 396 -39.72 1.25 -5.79
CA VAL B 396 -40.36 -0.03 -6.13
C VAL B 396 -40.55 -0.14 -7.63
N LYS B 397 -41.10 0.91 -8.25
CA LYS B 397 -41.39 0.84 -9.68
C LYS B 397 -40.12 0.89 -10.52
N ALA B 398 -39.08 1.56 -10.02
CA ALA B 398 -37.80 1.57 -10.72
C ALA B 398 -37.20 0.17 -10.78
N PHE B 399 -37.30 -0.59 -9.69
CA PHE B 399 -36.83 -1.97 -9.75
C PHE B 399 -37.72 -2.82 -10.65
N GLU B 400 -39.03 -2.58 -10.61
CA GLU B 400 -39.93 -3.36 -11.47
C GLU B 400 -39.63 -3.15 -12.95
N THR B 401 -39.18 -1.96 -13.33
CA THR B 401 -38.97 -1.60 -14.73
C THR B 401 -37.50 -1.58 -15.13
N GLY B 402 -36.59 -1.98 -14.24
CA GLY B 402 -35.18 -1.98 -14.60
C GLY B 402 -34.52 -0.62 -14.67
N VAL B 403 -35.20 0.45 -14.22
CA VAL B 403 -34.60 1.78 -14.16
C VAL B 403 -33.44 1.82 -13.17
N MET B 404 -33.62 1.18 -12.01
CA MET B 404 -32.55 0.91 -11.07
C MET B 404 -32.25 -0.59 -11.15
N ASP B 405 -30.98 -0.95 -11.30
CA ASP B 405 -30.61 -2.31 -11.67
C ASP B 405 -29.19 -2.54 -11.18
N ILE B 406 -29.00 -3.50 -10.26
CA ILE B 406 -27.74 -3.67 -9.55
C ILE B 406 -27.01 -4.87 -10.12
N PRO B 407 -25.79 -4.71 -10.64
CA PRO B 407 -25.07 -5.85 -11.23
C PRO B 407 -24.97 -7.03 -10.27
N PHE B 408 -25.42 -8.20 -10.75
CA PHE B 408 -25.26 -9.51 -10.11
C PHE B 408 -26.07 -9.68 -8.84
N GLY B 409 -27.03 -8.80 -8.57
CA GLY B 409 -27.86 -8.95 -7.38
C GLY B 409 -28.68 -10.23 -7.41
N PRO B 410 -28.65 -11.00 -6.33
CA PRO B 410 -29.45 -12.24 -6.30
C PRO B 410 -30.95 -12.00 -6.24
N SER B 411 -31.41 -10.82 -5.83
CA SER B 411 -32.84 -10.57 -5.70
C SER B 411 -33.57 -10.85 -7.01
N LYS B 412 -34.67 -11.60 -6.91
CA LYS B 412 -35.47 -11.80 -8.12
C LYS B 412 -36.21 -10.54 -8.52
N TYR B 413 -36.21 -9.49 -7.67
CA TYR B 413 -36.82 -8.21 -8.00
C TYR B 413 -35.85 -7.26 -8.69
N ASN B 414 -34.61 -7.70 -8.88
CA ASN B 414 -33.61 -6.97 -9.66
C ASN B 414 -33.67 -7.46 -11.10
N ALA B 415 -33.70 -6.52 -12.05
CA ALA B 415 -33.90 -6.90 -13.46
C ALA B 415 -32.75 -7.73 -13.99
N GLY B 416 -31.52 -7.44 -13.56
CA GLY B 416 -30.37 -8.18 -14.06
C GLY B 416 -30.07 -7.95 -15.52
N LYS B 417 -30.48 -6.80 -16.07
CA LYS B 417 -30.26 -6.50 -17.48
CA LYS B 417 -30.29 -6.46 -17.47
C LYS B 417 -29.05 -5.60 -17.71
N MET B 418 -28.84 -4.58 -16.88
CA MET B 418 -27.68 -3.73 -17.03
C MET B 418 -26.42 -4.54 -16.77
N MET B 419 -25.38 -4.28 -17.56
CA MET B 419 -24.14 -5.05 -17.50
C MET B 419 -22.99 -4.05 -17.45
N PRO B 420 -22.12 -4.11 -16.42
CA PRO B 420 -20.98 -3.19 -16.34
C PRO B 420 -19.69 -3.79 -16.90
N VAL B 421 -18.74 -2.96 -17.31
CA VAL B 421 -17.41 -3.44 -17.72
C VAL B 421 -16.45 -2.25 -17.64
N ARG B 422 -15.15 -2.54 -17.53
CA ARG B 422 -14.18 -1.46 -17.40
C ARG B 422 -13.79 -0.89 -18.77
N ASP B 423 -13.44 0.40 -18.79
CA ASP B 423 -12.90 1.02 -20.01
C ASP B 423 -11.37 0.88 -20.03
N ASN B 424 -10.69 1.55 -20.95
CA ASN B 424 -9.28 1.23 -21.15
C ASN B 424 -8.40 1.78 -20.02
N LEU B 425 -8.90 2.72 -19.22
CA LEU B 425 -8.20 3.20 -18.04
CA LEU B 425 -8.17 3.18 -18.05
C LEU B 425 -8.71 2.54 -16.76
N GLY B 426 -9.55 1.52 -16.88
CA GLY B 426 -10.08 0.85 -15.72
C GLY B 426 -11.32 1.45 -15.10
N CYS B 427 -11.89 2.51 -15.67
CA CYS B 427 -13.12 3.06 -15.11
C CYS B 427 -14.27 2.12 -15.41
N VAL B 428 -15.10 1.85 -14.41
CA VAL B 428 -16.30 1.04 -14.63
C VAL B 428 -17.29 1.84 -15.46
N ARG B 429 -17.76 1.24 -16.56
CA ARG B 429 -18.72 1.86 -17.47
C ARG B 429 -19.90 0.92 -17.67
N TYR B 430 -20.90 1.43 -18.39
CA TYR B 430 -22.09 0.64 -18.73
C TYR B 430 -21.85 -0.04 -20.07
N LEU B 431 -21.82 -1.36 -20.08
CA LEU B 431 -21.68 -2.14 -21.31
C LEU B 431 -23.03 -2.37 -21.98
N GLU B 432 -24.00 -2.85 -21.22
CA GLU B 432 -25.39 -2.96 -21.68
C GLU B 432 -26.24 -2.12 -20.74
N PHE B 433 -27.08 -1.26 -21.31
CA PHE B 433 -27.82 -0.30 -20.49
C PHE B 433 -29.11 -0.86 -19.92
N GLY B 434 -29.63 -1.96 -20.47
CA GLY B 434 -30.94 -2.42 -20.04
C GLY B 434 -31.92 -1.29 -20.12
N ASN B 435 -32.70 -1.10 -19.05
CA ASN B 435 -33.69 -0.02 -18.98
C ASN B 435 -33.21 1.17 -18.15
N VAL B 436 -31.91 1.26 -17.87
CA VAL B 436 -31.41 2.43 -17.15
C VAL B 436 -31.64 3.68 -18.00
N PRO B 437 -32.30 4.73 -17.47
CA PRO B 437 -32.90 5.76 -18.34
C PRO B 437 -31.92 6.88 -18.75
N PHE B 438 -30.86 6.50 -19.44
CA PHE B 438 -29.84 7.44 -19.88
C PHE B 438 -30.23 8.07 -21.21
N THR B 439 -29.78 9.31 -21.42
CA THR B 439 -29.88 9.99 -22.71
C THR B 439 -28.90 9.39 -23.71
N GLU B 440 -29.11 9.69 -24.98
CA GLU B 440 -28.19 9.20 -26.01
C GLU B 440 -26.78 9.73 -25.79
N GLU B 441 -26.66 11.00 -25.38
CA GLU B 441 -25.34 11.56 -25.14
C GLU B 441 -24.61 10.77 -24.05
N ILE B 442 -25.32 10.43 -22.97
CA ILE B 442 -24.70 9.70 -21.87
C ILE B 442 -24.32 8.28 -22.32
N LYS B 443 -25.19 7.62 -23.08
CA LYS B 443 -24.84 6.31 -23.61
C LYS B 443 -23.64 6.39 -24.54
N ASN B 444 -23.59 7.42 -25.39
CA ASN B 444 -22.49 7.57 -26.33
C ASN B 444 -21.15 7.69 -25.62
N TYR B 445 -21.11 8.43 -24.51
CA TYR B 445 -19.86 8.58 -23.79
C TYR B 445 -19.36 7.24 -23.26
N ASN B 446 -20.25 6.47 -22.63
CA ASN B 446 -19.86 5.13 -22.19
C ASN B 446 -19.31 4.30 -23.36
N ARG B 447 -19.99 4.35 -24.50
CA ARG B 447 -19.56 3.55 -25.64
C ARG B 447 -18.21 4.01 -26.16
N GLU B 448 -17.98 5.32 -26.21
CA GLU B 448 -16.70 5.83 -26.70
C GLU B 448 -15.56 5.43 -25.78
N ARG B 449 -15.78 5.52 -24.46
CA ARG B 449 -14.75 5.07 -23.53
C ARG B 449 -14.47 3.58 -23.70
N LEU B 450 -15.50 2.76 -23.86
CA LEU B 450 -15.28 1.33 -23.99
C LEU B 450 -14.61 0.97 -25.31
N GLN B 451 -14.89 1.72 -26.38
CA GLN B 451 -14.26 1.44 -27.66
CA GLN B 451 -14.25 1.42 -27.66
C GLN B 451 -12.74 1.58 -27.57
N GLU B 452 -12.25 2.48 -26.71
CA GLU B 452 -10.82 2.62 -26.54
C GLU B 452 -10.20 1.34 -26.00
N ARG B 453 -10.95 0.60 -25.16
CA ARG B 453 -10.45 -0.67 -24.68
C ARG B 453 -10.48 -1.73 -25.78
N ALA B 454 -11.54 -1.74 -26.58
CA ALA B 454 -11.58 -2.68 -27.70
C ALA B 454 -10.41 -2.45 -28.65
N LYS B 455 -10.09 -1.18 -28.93
CA LYS B 455 -8.98 -0.88 -29.81
C LYS B 455 -7.66 -1.34 -29.21
N PHE B 456 -7.44 -1.08 -27.93
CA PHE B 456 -6.17 -1.42 -27.31
C PHE B 456 -6.00 -2.93 -27.18
N GLU B 457 -7.06 -3.64 -26.83
CA GLU B 457 -6.95 -5.08 -26.61
C GLU B 457 -7.15 -5.89 -27.88
N GLY B 458 -7.64 -5.26 -28.95
CA GLY B 458 -7.86 -5.96 -30.20
C GLY B 458 -9.00 -6.96 -30.14
N ARG B 459 -9.98 -6.74 -29.26
CA ARG B 459 -11.17 -7.58 -29.21
C ARG B 459 -12.37 -6.69 -28.94
N ASP B 460 -13.54 -7.13 -29.41
CA ASP B 460 -14.77 -6.37 -29.20
C ASP B 460 -15.15 -6.40 -27.71
N VAL B 461 -15.72 -5.30 -27.21
CA VAL B 461 -16.17 -5.32 -25.83
CA VAL B 461 -16.22 -5.27 -25.84
C VAL B 461 -17.32 -6.31 -25.70
N SER B 462 -17.33 -7.03 -24.58
CA SER B 462 -18.19 -8.22 -24.48
C SER B 462 -18.31 -8.68 -23.04
N PHE B 463 -19.24 -9.62 -22.84
CA PHE B 463 -19.37 -10.28 -21.54
C PHE B 463 -18.10 -11.04 -21.16
N GLN B 464 -17.31 -11.49 -22.14
CA GLN B 464 -16.05 -12.12 -21.76
C GLN B 464 -15.14 -11.14 -21.04
N MET B 465 -15.14 -9.87 -21.45
CA MET B 465 -14.41 -8.83 -20.71
C MET B 465 -14.94 -8.68 -19.29
N VAL B 466 -16.26 -8.76 -19.12
CA VAL B 466 -16.84 -8.66 -17.79
C VAL B 466 -16.30 -9.77 -16.90
N ILE B 467 -16.28 -11.00 -17.42
CA ILE B 467 -15.73 -12.13 -16.66
C ILE B 467 -14.27 -11.86 -16.34
N ASP B 468 -13.51 -11.42 -17.35
CA ASP B 468 -12.10 -11.10 -17.11
C ASP B 468 -11.96 -10.05 -16.01
N ASP B 469 -12.82 -9.02 -16.01
CA ASP B 469 -12.73 -7.99 -14.98
C ASP B 469 -13.13 -8.52 -13.60
N ILE B 470 -14.07 -9.48 -13.55
CA ILE B 470 -14.47 -10.06 -12.27
C ILE B 470 -13.29 -10.79 -11.60
N PHE B 471 -12.44 -11.41 -12.40
CA PHE B 471 -11.31 -12.17 -11.87
C PHE B 471 -10.01 -11.39 -11.81
N ALA B 472 -9.95 -10.19 -12.41
CA ALA B 472 -8.65 -9.54 -12.65
C ALA B 472 -7.88 -9.28 -11.36
N VAL B 473 -8.54 -8.71 -10.35
CA VAL B 473 -7.78 -8.29 -9.18
C VAL B 473 -7.23 -9.50 -8.45
N GLY B 474 -8.04 -10.56 -8.34
CA GLY B 474 -7.54 -11.79 -7.74
C GLY B 474 -6.38 -12.38 -8.52
N LYS B 475 -6.30 -12.10 -9.81
CA LYS B 475 -5.19 -12.56 -10.65
C LYS B 475 -4.07 -11.54 -10.75
N GLY B 476 -4.17 -10.42 -10.04
CA GLY B 476 -3.04 -9.54 -9.87
C GLY B 476 -3.07 -8.19 -10.59
N ARG B 477 -4.21 -7.77 -11.14
CA ARG B 477 -4.22 -6.49 -11.85
C ARG B 477 -5.64 -5.93 -11.86
N LEU B 478 -5.76 -4.63 -12.19
CA LEU B 478 -7.10 -4.03 -12.15
C LEU B 478 -7.94 -4.45 -13.35
N ILE B 479 -7.36 -4.38 -14.54
CA ILE B 479 -8.12 -4.55 -15.78
C ILE B 479 -7.92 -5.96 -16.31
N GLY B 480 -9.01 -6.62 -16.68
CA GLY B 480 -8.92 -7.97 -17.24
C GLY B 480 -8.43 -8.01 -18.67
N ARG B 481 -7.13 -7.74 -18.87
CA ARG B 481 -6.52 -7.77 -20.19
C ARG B 481 -6.47 -9.20 -20.73
N PRO B 482 -6.45 -9.37 -22.06
CA PRO B 482 -6.33 -10.72 -22.63
C PRO B 482 -5.05 -11.40 -22.18
N GLU B 483 -5.16 -12.70 -21.93
CA GLU B 483 -4.04 -13.46 -21.37
C GLU B 483 -2.90 -13.60 -22.37
N MET C 1 34.04 19.82 39.63
CA MET C 1 33.48 19.50 38.33
C MET C 1 33.76 18.05 37.95
N GLU C 2 32.96 17.52 37.02
CA GLU C 2 33.17 16.16 36.53
C GLU C 2 32.40 15.92 35.23
N LYS C 3 32.63 16.76 34.22
CA LYS C 3 31.98 16.56 32.92
C LYS C 3 32.58 15.33 32.24
N LYS C 4 31.72 14.37 31.88
CA LYS C 4 32.16 13.08 31.35
C LYS C 4 32.30 13.14 29.84
N THR C 5 33.30 12.45 29.33
CA THR C 5 33.67 12.47 27.92
C THR C 5 33.40 11.11 27.29
N ILE C 6 32.74 11.12 26.13
CA ILE C 6 32.55 9.91 25.34
C ILE C 6 33.14 10.14 23.96
N VAL C 7 33.66 9.07 23.37
CA VAL C 7 34.02 9.07 21.97
C VAL C 7 32.85 8.46 21.21
N LEU C 8 32.43 9.10 20.13
CA LEU C 8 31.29 8.65 19.36
C LEU C 8 31.71 8.53 17.90
N GLY C 9 31.32 7.43 17.26
CA GLY C 9 31.67 7.28 15.86
C GLY C 9 30.90 6.14 15.23
N VAL C 10 31.10 6.00 13.92
CA VAL C 10 30.53 4.90 13.14
C VAL C 10 31.68 4.09 12.59
N ILE C 11 31.66 2.77 12.83
CA ILE C 11 32.87 1.95 12.68
C ILE C 11 33.00 1.38 11.26
N GLY C 12 34.25 1.12 10.87
CA GLY C 12 34.55 0.37 9.66
C GLY C 12 34.37 1.17 8.37
N SER C 13 33.79 0.54 7.34
CA SER C 13 33.56 1.19 6.06
C SER C 13 32.14 1.74 5.94
N ASP C 14 31.52 2.06 7.08
CA ASP C 14 30.13 2.47 7.18
C ASP C 14 30.04 3.99 7.08
N CYS C 15 29.19 4.50 6.17
CA CYS C 15 29.08 5.93 5.95
C CYS C 15 27.78 6.53 6.50
N HIS C 16 26.93 5.75 7.15
CA HIS C 16 25.68 6.29 7.69
C HIS C 16 25.98 7.34 8.73
N ALA C 17 25.32 8.50 8.60
CA ALA C 17 25.68 9.69 9.36
C ALA C 17 24.54 10.34 10.12
N VAL C 18 23.28 10.09 9.76
CA VAL C 18 22.19 10.82 10.41
C VAL C 18 22.08 10.43 11.88
N GLY C 19 22.16 9.13 12.18
CA GLY C 19 22.12 8.69 13.57
C GLY C 19 23.25 9.27 14.39
N ASN C 20 24.44 9.38 13.78
CA ASN C 20 25.59 9.97 14.47
C ASN C 20 25.31 11.41 14.86
N LYS C 21 24.73 12.19 13.95
CA LYS C 21 24.37 13.57 14.28
CA LYS C 21 24.36 13.57 14.27
C LYS C 21 23.33 13.63 15.40
N ILE C 22 22.33 12.75 15.35
CA ILE C 22 21.30 12.74 16.39
C ILE C 22 21.90 12.31 17.73
N LEU C 23 22.74 11.27 17.73
CA LEU C 23 23.36 10.81 18.98
C LEU C 23 24.27 11.88 19.57
N ASP C 24 25.03 12.58 18.71
CA ASP C 24 25.85 13.69 19.17
C ASP C 24 24.98 14.76 19.83
N HIS C 25 23.92 15.17 19.15
CA HIS C 25 22.97 16.15 19.69
C HIS C 25 22.41 15.69 21.04
N ALA C 26 21.92 14.45 21.11
CA ALA C 26 21.24 13.98 22.32
C ALA C 26 22.20 13.86 23.49
N PHE C 27 23.37 13.25 23.28
CA PHE C 27 24.32 13.09 24.38
C PHE C 27 24.92 14.42 24.80
N THR C 28 25.15 15.33 23.85
CA THR C 28 25.57 16.68 24.22
C THR C 28 24.50 17.36 25.07
N ASN C 29 23.24 17.29 24.64
CA ASN C 29 22.17 17.92 25.41
C ASN C 29 22.05 17.30 26.80
N ALA C 30 22.42 16.03 26.95
CA ALA C 30 22.36 15.36 28.24
C ALA C 30 23.54 15.70 29.14
N GLY C 31 24.49 16.51 28.68
CA GLY C 31 25.58 16.96 29.51
C GLY C 31 26.92 16.30 29.28
N PHE C 32 27.05 15.44 28.27
CA PHE C 32 28.33 14.80 27.98
C PHE C 32 29.17 15.65 27.04
N ASN C 33 30.48 15.49 27.18
CA ASN C 33 31.43 16.03 26.21
C ASN C 33 31.58 14.98 25.12
N VAL C 34 31.02 15.24 23.95
CA VAL C 34 30.99 14.25 22.87
C VAL C 34 32.15 14.51 21.93
N VAL C 35 33.08 13.55 21.88
CA VAL C 35 34.21 13.58 20.95
C VAL C 35 33.78 12.76 19.74
N ASN C 36 33.28 13.44 18.71
CA ASN C 36 32.65 12.80 17.56
C ASN C 36 33.67 12.62 16.45
N ILE C 37 34.13 11.38 16.25
CA ILE C 37 35.09 11.10 15.20
C ILE C 37 34.43 10.77 13.87
N GLY C 38 33.09 10.67 13.85
CA GLY C 38 32.38 10.60 12.58
C GLY C 38 32.37 9.21 11.98
N VAL C 39 32.01 9.16 10.70
CA VAL C 39 31.78 7.91 9.99
C VAL C 39 33.09 7.34 9.47
N LEU C 40 33.04 6.12 8.95
CA LEU C 40 34.18 5.47 8.29
C LEU C 40 35.40 5.40 9.23
N SER C 41 35.14 5.10 10.51
CA SER C 41 36.18 5.16 11.52
C SER C 41 36.72 3.77 11.83
N PRO C 42 38.00 3.50 11.57
CA PRO C 42 38.60 2.24 12.04
C PRO C 42 38.73 2.24 13.56
N GLN C 43 38.87 1.03 14.13
CA GLN C 43 39.01 0.90 15.58
C GLN C 43 40.06 1.85 16.13
N GLU C 44 41.20 1.98 15.44
CA GLU C 44 42.30 2.79 15.96
C GLU C 44 41.90 4.25 16.15
N ASN C 45 40.95 4.74 15.35
CA ASN C 45 40.51 6.12 15.52
C ASN C 45 39.70 6.30 16.81
N PHE C 46 38.90 5.30 17.18
CA PHE C 46 38.20 5.37 18.46
C PHE C 46 39.20 5.41 19.62
N ILE C 47 40.25 4.59 19.52
CA ILE C 47 41.22 4.48 20.62
C ILE C 47 42.07 5.73 20.72
N LYS C 48 42.55 6.26 19.59
CA LYS C 48 43.35 7.48 19.62
C LYS C 48 42.57 8.63 20.23
N ALA C 49 41.27 8.73 19.91
CA ALA C 49 40.46 9.80 20.48
C ALA C 49 40.22 9.57 21.96
N ALA C 50 40.00 8.30 22.36
CA ALA C 50 39.79 8.01 23.77
C ALA C 50 41.03 8.37 24.59
N ILE C 51 42.21 8.12 24.04
CA ILE C 51 43.45 8.44 24.77
C ILE C 51 43.61 9.94 24.89
N GLU C 52 43.49 10.66 23.77
CA GLU C 52 43.78 12.09 23.77
C GLU C 52 42.80 12.88 24.63
N THR C 53 41.57 12.39 24.78
CA THR C 53 40.55 13.12 25.51
C THR C 53 40.21 12.48 26.85
N LYS C 54 40.91 11.41 27.22
CA LYS C 54 40.68 10.70 28.49
C LYS C 54 39.19 10.37 28.64
N ALA C 55 38.65 9.74 27.61
CA ALA C 55 37.23 9.44 27.54
C ALA C 55 36.85 8.38 28.56
N ASP C 56 35.64 8.53 29.09
CA ASP C 56 35.03 7.59 30.00
C ASP C 56 34.31 6.44 29.29
N ALA C 57 33.96 6.62 28.02
CA ALA C 57 33.24 5.58 27.31
C ALA C 57 33.47 5.76 25.82
N ILE C 58 33.36 4.66 25.09
CA ILE C 58 33.37 4.65 23.63
C ILE C 58 32.03 4.10 23.17
N LEU C 59 31.28 4.91 22.42
CA LEU C 59 30.01 4.48 21.85
C LEU C 59 30.25 4.18 20.38
N VAL C 60 30.23 2.89 20.03
CA VAL C 60 30.42 2.45 18.65
C VAL C 60 29.05 2.30 18.02
N SER C 61 28.79 3.08 16.97
CA SER C 61 27.60 2.90 16.17
C SER C 61 27.97 2.09 14.94
N SER C 62 27.11 1.15 14.58
CA SER C 62 27.34 0.31 13.41
C SER C 62 25.98 0.07 12.76
N LEU C 63 25.75 0.71 11.61
CA LEU C 63 24.46 0.60 10.94
C LEU C 63 24.48 -0.37 9.76
N TYR C 64 25.62 -0.57 9.10
CA TYR C 64 25.60 -1.18 7.78
C TYR C 64 25.68 -2.70 7.80
N GLY C 65 25.74 -3.33 8.99
CA GLY C 65 25.67 -4.76 9.13
C GLY C 65 27.01 -5.46 9.22
N GLN C 66 28.07 -4.88 8.67
CA GLN C 66 29.37 -5.52 8.71
C GLN C 66 30.12 -5.25 10.02
N GLY C 67 29.43 -4.62 10.98
CA GLY C 67 30.01 -4.43 12.31
C GLY C 67 30.32 -5.73 13.03
N GLU C 68 29.61 -6.81 12.70
CA GLU C 68 29.97 -8.09 13.29
C GLU C 68 31.42 -8.47 12.97
N ILE C 69 31.92 -8.05 11.80
CA ILE C 69 33.34 -8.18 11.50
C ILE C 69 34.14 -7.06 12.15
N ASP C 70 33.72 -5.80 11.95
CA ASP C 70 34.56 -4.67 12.31
C ASP C 70 34.77 -4.56 13.80
N CYS C 71 33.78 -5.00 14.59
CA CYS C 71 33.76 -4.72 16.01
C CYS C 71 34.63 -5.69 16.82
N LYS C 72 35.05 -6.80 16.22
CA LYS C 72 35.85 -7.78 16.93
C LYS C 72 37.23 -7.21 17.24
N GLY C 73 37.68 -7.40 18.47
CA GLY C 73 39.03 -7.02 18.85
C GLY C 73 39.20 -5.63 19.40
N LEU C 74 38.13 -4.84 19.49
CA LEU C 74 38.27 -3.48 20.03
C LEU C 74 38.65 -3.51 21.50
N ARG C 75 38.02 -4.37 22.29
CA ARG C 75 38.32 -4.45 23.72
C ARG C 75 39.79 -4.78 23.94
N GLN C 76 40.31 -5.77 23.20
CA GLN C 76 41.71 -6.13 23.38
C GLN C 76 42.63 -4.97 23.01
N LYS C 77 42.35 -4.29 21.89
CA LYS C 77 43.18 -3.13 21.54
C LYS C 77 43.06 -2.03 22.58
N CYS C 78 41.88 -1.88 23.20
CA CYS C 78 41.73 -0.90 24.28
C CYS C 78 42.59 -1.26 25.49
N ASP C 79 42.61 -2.55 25.85
CA ASP C 79 43.48 -2.97 26.94
C ASP C 79 44.94 -2.69 26.62
N GLU C 80 45.38 -3.06 25.42
CA GLU C 80 46.77 -2.87 25.03
C GLU C 80 47.15 -1.40 24.92
N ALA C 81 46.18 -0.50 24.79
CA ALA C 81 46.46 0.93 24.75
C ALA C 81 46.32 1.59 26.12
N GLY C 82 46.12 0.81 27.18
CA GLY C 82 46.02 1.37 28.51
C GLY C 82 44.65 1.90 28.87
N LEU C 83 43.60 1.45 28.18
CA LEU C 83 42.23 1.85 28.47
C LEU C 83 41.45 0.71 29.11
N GLU C 84 42.06 0.02 30.07
CA GLU C 84 41.39 -1.07 30.77
C GLU C 84 40.12 -0.56 31.43
N GLY C 85 39.04 -1.32 31.28
CA GLY C 85 37.78 -0.98 31.91
C GLY C 85 37.03 0.21 31.34
N ILE C 86 37.47 0.77 30.21
CA ILE C 86 36.68 1.81 29.58
C ILE C 86 35.34 1.21 29.18
N LEU C 87 34.27 2.01 29.26
CA LEU C 87 32.96 1.52 28.83
C LEU C 87 32.92 1.42 27.31
N LEU C 88 32.44 0.28 26.81
CA LEU C 88 32.28 0.06 25.38
C LEU C 88 30.81 -0.25 25.10
N TYR C 89 30.15 0.62 24.34
CA TYR C 89 28.78 0.40 23.91
C TYR C 89 28.78 0.20 22.40
N VAL C 90 27.86 -0.64 21.92
CA VAL C 90 27.69 -0.82 20.48
C VAL C 90 26.20 -0.89 20.18
N GLY C 91 25.78 -0.20 19.12
CA GLY C 91 24.37 -0.20 18.77
C GLY C 91 24.19 0.19 17.32
N GLY C 92 22.93 0.16 16.89
CA GLY C 92 22.60 0.48 15.51
C GLY C 92 21.86 -0.67 14.86
N ASN C 93 22.41 -1.16 13.72
CA ASN C 93 21.91 -2.36 13.02
C ASN C 93 23.16 -3.22 12.83
N ILE C 94 23.54 -3.94 13.89
CA ILE C 94 24.95 -4.34 14.03
C ILE C 94 25.30 -5.66 13.37
N VAL C 95 24.31 -6.46 12.95
CA VAL C 95 24.55 -7.66 12.17
C VAL C 95 23.82 -7.53 10.83
N VAL C 96 24.17 -8.42 9.89
CA VAL C 96 23.52 -8.46 8.59
C VAL C 96 22.21 -9.23 8.72
N GLY C 97 21.10 -8.53 8.57
CA GLY C 97 19.79 -9.16 8.50
C GLY C 97 19.09 -9.21 9.85
N LYS C 98 17.79 -9.47 9.79
CA LYS C 98 17.01 -9.76 10.98
C LYS C 98 17.48 -11.06 11.60
N GLN C 99 17.81 -11.02 12.88
CA GLN C 99 18.32 -12.19 13.60
C GLN C 99 17.67 -12.22 14.98
N HIS C 100 17.78 -13.36 15.66
CA HIS C 100 17.22 -13.50 17.00
C HIS C 100 18.02 -12.64 17.96
N TRP C 101 17.40 -11.59 18.51
CA TRP C 101 18.17 -10.57 19.21
C TRP C 101 19.00 -11.10 20.38
N PRO C 102 18.48 -11.97 21.26
CA PRO C 102 19.34 -12.48 22.35
C PRO C 102 20.62 -13.13 21.88
N ASP C 103 20.59 -13.83 20.72
CA ASP C 103 21.83 -14.39 20.18
C ASP C 103 22.79 -13.30 19.76
N VAL C 104 22.29 -12.24 19.12
CA VAL C 104 23.17 -11.15 18.70
C VAL C 104 23.79 -10.47 19.92
N GLU C 105 22.97 -10.18 20.93
CA GLU C 105 23.46 -9.48 22.11
C GLU C 105 24.61 -10.23 22.76
N LYS C 106 24.46 -11.56 22.91
CA LYS C 106 25.52 -12.37 23.51
C LYS C 106 26.79 -12.36 22.66
N ARG C 107 26.65 -12.46 21.33
CA ARG C 107 27.84 -12.48 20.48
C ARG C 107 28.68 -11.22 20.67
N PHE C 108 28.02 -10.06 20.77
CA PHE C 108 28.77 -8.83 20.95
C PHE C 108 29.25 -8.67 22.39
N LYS C 109 28.48 -9.12 23.38
CA LYS C 109 29.02 -9.14 24.74
C LYS C 109 30.25 -10.03 24.82
N ASP C 110 30.21 -11.18 24.11
CA ASP C 110 31.38 -12.05 24.06
C ASP C 110 32.59 -11.39 23.41
N MET C 111 32.40 -10.34 22.60
CA MET C 111 33.54 -9.62 22.04
C MET C 111 34.13 -8.60 23.00
N GLY C 112 33.50 -8.34 24.12
CA GLY C 112 34.00 -7.37 25.08
C GLY C 112 33.17 -6.11 25.23
N TYR C 113 32.02 -6.00 24.56
CA TYR C 113 31.19 -4.81 24.69
C TYR C 113 30.37 -4.88 25.98
N ASP C 114 30.29 -3.75 26.68
CA ASP C 114 29.56 -3.70 27.94
C ASP C 114 28.05 -3.70 27.73
N ARG C 115 27.58 -2.93 26.75
CA ARG C 115 26.17 -2.87 26.41
C ARG C 115 26.00 -2.95 24.90
N VAL C 116 24.93 -3.61 24.47
CA VAL C 116 24.66 -3.92 23.07
C VAL C 116 23.20 -3.58 22.79
N TYR C 117 22.96 -2.80 21.73
CA TYR C 117 21.65 -2.22 21.47
C TYR C 117 21.08 -2.66 20.12
N ALA C 118 19.78 -2.97 20.13
CA ALA C 118 19.03 -3.47 18.99
C ALA C 118 18.66 -2.32 18.03
N PRO C 119 18.21 -2.63 16.82
CA PRO C 119 17.77 -1.58 15.91
C PRO C 119 16.70 -0.71 16.56
N GLY C 120 16.71 0.58 16.21
CA GLY C 120 15.69 1.49 16.66
C GLY C 120 15.82 1.95 18.09
N THR C 121 16.96 1.72 18.73
CA THR C 121 17.11 2.12 20.13
C THR C 121 17.08 3.64 20.25
N PRO C 122 16.21 4.20 21.08
CA PRO C 122 16.22 5.65 21.29
C PRO C 122 17.49 6.10 21.97
N PRO C 123 18.07 7.25 21.58
CA PRO C 123 19.25 7.75 22.30
C PRO C 123 19.04 7.84 23.80
N GLU C 124 17.81 8.09 24.25
CA GLU C 124 17.55 8.29 25.68
C GLU C 124 17.83 7.04 26.49
N VAL C 125 17.68 5.86 25.88
CA VAL C 125 18.01 4.61 26.55
C VAL C 125 19.52 4.52 26.81
N GLY C 126 20.31 4.85 25.79
CA GLY C 126 21.76 4.85 25.96
C GLY C 126 22.23 5.90 26.95
N ILE C 127 21.61 7.08 26.94
CA ILE C 127 21.95 8.13 27.90
C ILE C 127 21.69 7.64 29.32
N ALA C 128 20.52 7.02 29.55
CA ALA C 128 20.19 6.55 30.89
C ALA C 128 21.13 5.44 31.33
N ASP C 129 21.48 4.52 30.42
CA ASP C 129 22.41 3.46 30.74
C ASP C 129 23.79 4.01 31.08
N LEU C 130 24.23 5.03 30.33
CA LEU C 130 25.56 5.58 30.54
C LEU C 130 25.64 6.35 31.85
N LYS C 131 24.60 7.11 32.19
CA LYS C 131 24.59 7.80 33.48
C LYS C 131 24.60 6.79 34.63
N LYS C 132 23.87 5.68 34.48
CA LYS C 132 23.88 4.65 35.51
C LYS C 132 25.26 4.01 35.63
N ASP C 133 25.86 3.61 34.51
CA ASP C 133 27.17 2.98 34.53
C ASP C 133 28.25 3.90 35.05
N LEU C 134 28.14 5.20 34.81
CA LEU C 134 29.14 6.14 35.30
C LEU C 134 28.79 6.68 36.68
N ASN C 135 27.71 6.18 37.28
CA ASN C 135 27.28 6.57 38.63
C ASN C 135 27.04 8.08 38.73
N ILE C 136 26.50 8.67 37.67
CA ILE C 136 26.21 10.10 37.66
C ILE C 136 24.73 10.38 37.53
N GLU C 137 23.89 9.36 37.66
CA GLU C 137 22.45 9.49 37.45
C GLU C 137 21.73 10.37 38.48
N MET D 1 45.20 14.35 -13.33
CA MET D 1 44.42 14.88 -14.43
C MET D 1 43.68 16.15 -13.98
N GLU D 2 43.61 17.14 -14.86
CA GLU D 2 42.84 18.35 -14.58
C GLU D 2 41.36 18.09 -14.85
N LEU D 3 40.50 18.67 -14.01
CA LEU D 3 39.06 18.51 -14.18
C LEU D 3 38.53 19.57 -15.13
N LYS D 4 37.90 19.13 -16.22
CA LYS D 4 37.17 19.99 -17.15
C LYS D 4 35.97 19.20 -17.65
N ASN D 5 34.88 19.89 -17.95
CA ASN D 5 33.71 19.19 -18.49
C ASN D 5 33.90 19.03 -20.00
N LYS D 6 34.84 18.15 -20.34
CA LYS D 6 35.21 17.87 -21.72
CA LYS D 6 35.18 17.86 -21.72
C LYS D 6 35.44 16.38 -21.88
N LYS D 7 34.89 15.80 -22.95
CA LYS D 7 35.06 14.37 -23.20
C LYS D 7 36.54 14.01 -23.23
N TRP D 8 36.93 12.98 -22.48
CA TRP D 8 38.31 12.52 -22.52
C TRP D 8 38.66 12.04 -23.92
N THR D 9 39.88 12.32 -24.36
CA THR D 9 40.31 11.75 -25.63
C THR D 9 40.45 10.24 -25.49
N ASP D 10 40.44 9.54 -26.63
CA ASP D 10 40.64 8.10 -26.59
C ASP D 10 41.98 7.75 -25.93
N GLU D 11 43.01 8.56 -26.16
CA GLU D 11 44.32 8.27 -25.61
C GLU D 11 44.34 8.48 -24.10
N GLU D 12 43.75 9.59 -23.63
CA GLU D 12 43.65 9.84 -22.19
CA GLU D 12 43.71 9.80 -22.19
C GLU D 12 42.93 8.70 -21.49
N PHE D 13 41.79 8.29 -22.05
CA PHE D 13 40.99 7.24 -21.43
C PHE D 13 41.77 5.94 -21.36
N HIS D 14 42.43 5.56 -22.47
CA HIS D 14 43.19 4.32 -22.47
C HIS D 14 44.31 4.35 -21.44
N LYS D 15 44.98 5.50 -21.31
CA LYS D 15 46.02 5.63 -20.29
C LYS D 15 45.45 5.34 -18.90
N GLN D 16 44.28 5.90 -18.59
CA GLN D 16 43.66 5.67 -17.28
C GLN D 16 43.24 4.22 -17.13
N ARG D 17 42.67 3.61 -18.18
CA ARG D 17 42.25 2.22 -18.11
C ARG D 17 43.40 1.31 -17.69
N GLU D 18 44.58 1.50 -18.29
CA GLU D 18 45.67 0.58 -17.97
C GLU D 18 46.14 0.73 -16.53
N GLU D 19 45.96 1.92 -15.94
CA GLU D 19 46.24 2.08 -14.51
C GLU D 19 45.16 1.42 -13.66
N VAL D 20 43.90 1.62 -14.02
CA VAL D 20 42.78 1.14 -13.20
C VAL D 20 42.76 -0.38 -13.14
N LEU D 21 42.99 -1.05 -14.28
CA LEU D 21 42.87 -2.49 -14.29
C LEU D 21 43.90 -3.17 -13.40
N GLN D 22 44.95 -2.46 -13.01
CA GLN D 22 45.96 -3.01 -12.11
C GLN D 22 45.55 -2.98 -10.65
N GLN D 23 44.40 -2.40 -10.31
CA GLN D 23 44.08 -2.19 -8.90
C GLN D 23 43.65 -3.45 -8.17
N TRP D 24 43.34 -4.53 -8.90
CA TRP D 24 43.07 -5.84 -8.31
C TRP D 24 43.32 -6.86 -9.40
N PRO D 25 43.72 -8.10 -9.07
CA PRO D 25 44.09 -9.06 -10.12
C PRO D 25 42.96 -9.43 -11.06
N THR D 26 41.70 -9.27 -10.65
CA THR D 26 40.58 -9.53 -11.58
C THR D 26 40.53 -8.52 -12.71
N GLY D 27 41.26 -7.40 -12.62
CA GLY D 27 41.36 -6.49 -13.75
C GLY D 27 41.92 -7.17 -14.99
N LYS D 28 42.71 -8.23 -14.80
CA LYS D 28 43.23 -8.99 -15.92
C LYS D 28 42.15 -9.72 -16.69
N GLU D 29 40.98 -9.94 -16.09
CA GLU D 29 39.90 -10.59 -16.83
C GLU D 29 39.19 -9.65 -17.78
N VAL D 30 39.49 -8.35 -17.76
CA VAL D 30 38.80 -7.37 -18.59
C VAL D 30 39.55 -7.24 -19.91
N ASP D 31 38.90 -7.66 -20.99
CA ASP D 31 39.41 -7.54 -22.36
C ASP D 31 38.37 -6.77 -23.15
N LEU D 32 38.66 -5.50 -23.47
CA LEU D 32 37.65 -4.63 -24.06
C LEU D 32 37.13 -5.17 -25.39
N GLN D 33 38.02 -5.67 -26.26
CA GLN D 33 37.55 -6.22 -27.53
CA GLN D 33 37.57 -6.25 -27.53
C GLN D 33 36.62 -7.40 -27.29
N GLU D 34 37.01 -8.31 -26.39
CA GLU D 34 36.20 -9.48 -26.10
C GLU D 34 34.90 -9.10 -25.43
N ALA D 35 34.94 -8.11 -24.54
CA ALA D 35 33.72 -7.70 -23.82
C ALA D 35 32.69 -7.10 -24.77
N VAL D 36 33.13 -6.32 -25.77
CA VAL D 36 32.18 -5.77 -26.74
C VAL D 36 31.43 -6.89 -27.44
N ASP D 37 32.14 -7.94 -27.86
CA ASP D 37 31.47 -9.05 -28.51
C ASP D 37 30.53 -9.79 -27.55
N TYR D 38 30.95 -9.96 -26.29
CA TYR D 38 30.07 -10.58 -25.30
C TYR D 38 28.80 -9.77 -25.09
N LEU D 39 28.94 -8.46 -24.91
CA LEU D 39 27.78 -7.59 -24.69
C LEU D 39 26.83 -7.62 -25.86
N LYS D 40 27.35 -7.66 -27.09
CA LYS D 40 26.47 -7.63 -28.26
C LYS D 40 25.67 -8.91 -28.43
N LYS D 41 26.10 -10.00 -27.80
CA LYS D 41 25.36 -11.25 -27.84
C LYS D 41 24.30 -11.35 -26.75
N ILE D 42 24.20 -10.38 -25.86
CA ILE D 42 23.15 -10.42 -24.86
C ILE D 42 21.80 -10.12 -25.52
N PRO D 43 20.78 -10.93 -25.32
CA PRO D 43 19.48 -10.64 -25.93
C PRO D 43 18.91 -9.32 -25.41
N ALA D 44 18.11 -8.68 -26.27
CA ALA D 44 17.52 -7.40 -25.93
C ALA D 44 16.75 -7.47 -24.62
N GLU D 45 16.12 -8.62 -24.33
CA GLU D 45 15.36 -8.76 -23.09
C GLU D 45 16.24 -8.63 -21.85
N LYS D 46 17.55 -8.79 -21.99
CA LYS D 46 18.47 -8.69 -20.86
C LYS D 46 19.38 -7.47 -20.98
N ASN D 47 19.05 -6.53 -21.86
CA ASN D 47 19.79 -5.29 -21.95
C ASN D 47 19.00 -4.19 -21.24
N PHE D 48 19.64 -3.55 -20.26
CA PHE D 48 18.91 -2.62 -19.41
C PHE D 48 18.48 -1.39 -20.20
N ALA D 49 19.36 -0.87 -21.05
CA ALA D 49 19.01 0.33 -21.80
C ALA D 49 17.84 0.06 -22.73
N GLU D 50 17.87 -1.08 -23.43
CA GLU D 50 16.82 -1.38 -24.39
C GLU D 50 15.49 -1.67 -23.71
N LYS D 51 15.52 -2.32 -22.53
CA LYS D 51 14.25 -2.56 -21.84
C LYS D 51 13.66 -1.27 -21.29
N LEU D 52 14.52 -0.30 -20.92
CA LEU D 52 14.00 1.00 -20.49
C LEU D 52 13.28 1.69 -21.63
N VAL D 53 13.83 1.62 -22.85
CA VAL D 53 13.14 2.18 -24.01
C VAL D 53 11.78 1.54 -24.17
N LEU D 54 11.70 0.22 -23.98
CA LEU D 54 10.43 -0.50 -24.09
C LEU D 54 9.43 -0.04 -23.05
N ALA D 55 9.88 0.11 -21.80
CA ALA D 55 8.98 0.59 -20.75
C ALA D 55 8.43 1.97 -21.08
N LYS D 56 9.30 2.85 -21.56
CA LYS D 56 8.86 4.20 -21.91
C LYS D 56 7.84 4.16 -23.04
N LYS D 57 8.08 3.31 -24.04
CA LYS D 57 7.16 3.19 -25.16
C LYS D 57 5.79 2.70 -24.71
N LYS D 58 5.76 1.72 -23.80
CA LYS D 58 4.51 1.15 -23.34
C LYS D 58 3.87 1.94 -22.21
N GLY D 59 4.53 2.98 -21.71
CA GLY D 59 3.98 3.76 -20.62
C GLY D 59 3.78 2.98 -19.34
N ILE D 60 4.71 2.08 -19.04
CA ILE D 60 4.58 1.29 -17.81
C ILE D 60 5.73 1.59 -16.87
N THR D 61 5.48 1.39 -15.59
CA THR D 61 6.48 1.54 -14.55
C THR D 61 7.00 0.15 -14.22
N MET D 62 8.33 -0.02 -14.29
CA MET D 62 8.91 -1.31 -13.96
CA MET D 62 9.00 -1.28 -13.99
C MET D 62 9.48 -1.29 -12.55
N ALA D 63 9.41 -2.44 -11.89
CA ALA D 63 9.82 -2.57 -10.49
C ALA D 63 11.17 -3.25 -10.39
N GLN D 64 12.02 -2.74 -9.50
CA GLN D 64 13.38 -3.25 -9.35
C GLN D 64 13.73 -3.28 -7.87
N PRO D 65 14.15 -4.43 -7.34
CA PRO D 65 14.59 -4.49 -5.95
C PRO D 65 16.06 -4.14 -5.80
N ARG D 66 16.53 -4.15 -4.56
CA ARG D 66 17.94 -4.17 -4.21
C ARG D 66 18.27 -5.55 -3.66
N ALA D 67 19.50 -6.04 -3.88
CA ALA D 67 19.80 -7.41 -3.47
C ALA D 67 21.28 -7.72 -3.64
N GLY D 68 21.86 -8.42 -2.66
CA GLY D 68 23.23 -8.85 -2.77
C GLY D 68 23.76 -9.56 -1.54
N VAL D 69 24.51 -10.65 -1.76
CA VAL D 69 25.16 -11.41 -0.71
C VAL D 69 26.56 -11.78 -1.16
N ALA D 70 27.35 -12.31 -0.22
CA ALA D 70 28.79 -12.42 -0.43
C ALA D 70 29.14 -13.48 -1.46
N LEU D 71 28.44 -14.62 -1.45
CA LEU D 71 28.86 -15.79 -2.21
C LEU D 71 28.08 -15.90 -3.51
N LEU D 72 28.78 -16.40 -4.53
CA LEU D 72 28.26 -16.38 -5.90
C LEU D 72 27.00 -17.23 -6.03
N ASP D 73 27.05 -18.49 -5.61
CA ASP D 73 25.89 -19.36 -5.78
C ASP D 73 24.68 -18.81 -5.03
N GLU D 74 24.90 -18.38 -3.79
CA GLU D 74 23.81 -17.84 -2.98
C GLU D 74 23.22 -16.58 -3.61
N HIS D 75 24.08 -15.74 -4.20
CA HIS D 75 23.62 -14.53 -4.86
C HIS D 75 22.78 -14.85 -6.10
N ILE D 76 23.22 -15.83 -6.89
CA ILE D 76 22.43 -16.25 -8.04
C ILE D 76 21.07 -16.79 -7.59
N GLU D 77 21.06 -17.61 -6.54
CA GLU D 77 19.80 -18.15 -6.05
C GLU D 77 18.87 -17.04 -5.58
N LEU D 78 19.45 -16.03 -4.92
CA LEU D 78 18.68 -14.89 -4.46
C LEU D 78 18.05 -14.14 -5.64
N LEU D 79 18.85 -13.81 -6.66
CA LEU D 79 18.31 -13.07 -7.79
C LEU D 79 17.25 -13.87 -8.52
N ARG D 80 17.45 -15.19 -8.67
CA ARG D 80 16.45 -16.02 -9.35
C ARG D 80 15.14 -15.99 -8.59
N TYR D 81 15.21 -16.00 -7.26
CA TYR D 81 13.99 -15.95 -6.46
C TYR D 81 13.27 -14.63 -6.65
N LEU D 82 14.00 -13.51 -6.67
CA LEU D 82 13.36 -12.22 -6.88
C LEU D 82 12.74 -12.13 -8.26
N GLN D 83 13.41 -12.73 -9.25
CA GLN D 83 12.88 -12.81 -10.61
C GLN D 83 11.63 -13.68 -10.67
N ASP D 84 11.72 -14.92 -10.20
CA ASP D 84 10.65 -15.89 -10.40
C ASP D 84 9.52 -15.72 -9.37
N GLU D 85 9.86 -15.70 -8.07
CA GLU D 85 8.81 -15.55 -7.06
C GLU D 85 8.41 -14.09 -6.87
N GLY D 86 9.36 -13.16 -6.97
CA GLY D 86 9.02 -11.76 -6.81
C GLY D 86 8.36 -11.13 -8.03
N GLY D 87 8.73 -11.59 -9.22
CA GLY D 87 8.25 -10.95 -10.43
C GLY D 87 8.96 -9.67 -10.82
N ALA D 88 10.20 -9.48 -10.37
CA ALA D 88 10.95 -8.28 -10.69
C ALA D 88 11.03 -8.06 -12.20
N ASP D 89 11.06 -6.79 -12.59
CA ASP D 89 11.23 -6.41 -14.01
C ASP D 89 12.69 -6.14 -14.36
N PHE D 90 13.48 -5.71 -13.39
CA PHE D 90 14.90 -5.47 -13.54
C PHE D 90 15.60 -6.13 -12.35
N LEU D 91 16.86 -6.55 -12.56
CA LEU D 91 17.56 -7.10 -11.41
C LEU D 91 18.72 -6.20 -11.00
N PRO D 92 18.92 -6.03 -9.70
CA PRO D 92 20.14 -5.39 -9.21
C PRO D 92 21.23 -6.41 -8.96
N SER D 93 22.43 -5.90 -8.70
CA SER D 93 23.34 -6.57 -7.80
C SER D 93 23.92 -5.48 -6.94
N THR D 94 23.52 -5.49 -5.67
CA THR D 94 23.98 -4.49 -4.71
C THR D 94 25.36 -4.87 -4.20
N ILE D 95 26.30 -3.95 -4.37
CA ILE D 95 27.70 -4.16 -4.05
C ILE D 95 27.90 -3.93 -2.56
N ASP D 96 28.77 -4.72 -1.94
CA ASP D 96 29.02 -4.57 -0.50
C ASP D 96 29.83 -3.31 -0.22
N ALA D 97 29.82 -2.89 1.05
CA ALA D 97 30.42 -1.62 1.42
C ALA D 97 31.95 -1.65 1.43
N TYR D 98 32.59 -2.83 1.63
CA TYR D 98 34.05 -2.86 1.53
C TYR D 98 34.48 -2.58 0.09
N THR D 99 33.82 -3.20 -0.89
CA THR D 99 34.11 -2.88 -2.29
C THR D 99 33.96 -1.39 -2.56
N ARG D 100 32.90 -0.78 -2.00
CA ARG D 100 32.64 0.65 -2.22
C ARG D 100 33.77 1.53 -1.71
N GLN D 101 34.53 1.05 -0.74
CA GLN D 101 35.69 1.76 -0.24
C GLN D 101 36.99 1.19 -0.78
N ASN D 102 36.91 0.37 -1.83
CA ASN D 102 38.09 -0.20 -2.50
C ASN D 102 38.93 -1.06 -1.56
N ARG D 103 38.28 -1.75 -0.63
CA ARG D 103 38.96 -2.60 0.35
C ARG D 103 38.73 -4.06 -0.01
N TYR D 104 39.29 -4.47 -1.16
CA TYR D 104 39.06 -5.82 -1.65
C TYR D 104 39.70 -6.87 -0.76
N ASP D 105 40.70 -6.49 0.05
CA ASP D 105 41.21 -7.40 1.07
C ASP D 105 40.12 -7.76 2.07
N GLU D 106 39.36 -6.76 2.50
CA GLU D 106 38.27 -7.01 3.44
C GLU D 106 37.11 -7.76 2.79
N CYS D 107 36.85 -7.54 1.49
CA CYS D 107 35.88 -8.37 0.79
C CYS D 107 36.27 -9.84 0.88
N GLU D 108 37.54 -10.15 0.59
CA GLU D 108 37.98 -11.54 0.55
C GLU D 108 37.82 -12.20 1.90
N ASN D 109 38.19 -11.50 2.97
CA ASN D 109 37.97 -12.04 4.31
C ASN D 109 36.49 -12.26 4.57
N GLY D 110 35.64 -11.32 4.14
CA GLY D 110 34.21 -11.48 4.33
C GLY D 110 33.65 -12.66 3.58
N ILE D 111 34.18 -12.92 2.38
CA ILE D 111 33.81 -14.14 1.65
C ILE D 111 34.14 -15.38 2.47
N LYS D 112 35.37 -15.43 3.00
CA LYS D 112 35.77 -16.57 3.82
C LYS D 112 34.90 -16.72 5.06
N GLU D 113 34.61 -15.61 5.75
CA GLU D 113 33.76 -15.70 6.93
C GLU D 113 32.34 -16.10 6.56
N SER D 114 31.86 -15.71 5.37
CA SER D 114 30.51 -16.07 4.97
C SER D 114 30.41 -17.55 4.61
N GLU D 115 31.46 -18.10 3.99
CA GLU D 115 31.49 -19.53 3.73
C GLU D 115 31.45 -20.32 5.02
N LYS D 116 32.23 -19.89 6.02
CA LYS D 116 32.30 -20.59 7.29
C LYS D 116 30.97 -20.50 8.07
N ALA D 117 30.29 -19.36 7.99
CA ALA D 117 29.10 -19.14 8.79
C ALA D 117 27.81 -19.62 8.12
N GLY D 118 27.85 -19.93 6.84
CA GLY D 118 26.64 -20.32 6.16
C GLY D 118 25.64 -19.20 5.95
N ARG D 119 26.11 -17.95 6.04
CA ARG D 119 25.27 -16.78 5.81
C ARG D 119 26.20 -15.64 5.45
N SER D 120 25.65 -14.61 4.83
CA SER D 120 26.49 -13.52 4.33
C SER D 120 26.83 -12.58 5.47
N LEU D 121 28.13 -12.43 5.76
CA LEU D 121 28.59 -11.36 6.63
C LEU D 121 28.93 -10.07 5.88
N LEU D 122 28.91 -10.10 4.56
CA LEU D 122 28.96 -8.88 3.77
C LEU D 122 27.54 -8.39 3.53
N ASN D 123 27.39 -7.07 3.41
CA ASN D 123 26.09 -6.46 3.12
C ASN D 123 25.85 -6.30 1.63
N GLY D 124 26.57 -7.04 0.80
CA GLY D 124 26.35 -7.00 -0.62
C GLY D 124 27.29 -7.96 -1.34
N PHE D 125 27.33 -7.80 -2.66
CA PHE D 125 28.02 -8.73 -3.56
C PHE D 125 29.37 -8.14 -3.93
N PRO D 126 30.49 -8.80 -3.62
CA PRO D 126 31.82 -8.22 -3.88
C PRO D 126 32.23 -8.43 -5.33
N GLY D 127 31.72 -7.56 -6.20
CA GLY D 127 31.84 -7.76 -7.63
C GLY D 127 33.26 -7.71 -8.16
N VAL D 128 34.10 -6.86 -7.56
CA VAL D 128 35.50 -6.79 -7.99
C VAL D 128 36.21 -8.10 -7.67
N ASN D 129 35.97 -8.65 -6.49
CA ASN D 129 36.62 -9.91 -6.12
C ASN D 129 36.11 -11.07 -6.96
N HIS D 130 34.80 -11.09 -7.26
CA HIS D 130 34.27 -12.17 -8.08
C HIS D 130 34.66 -12.02 -9.54
N GLY D 131 35.08 -10.85 -9.96
CA GLY D 131 35.67 -10.67 -11.27
C GLY D 131 34.65 -10.71 -12.40
N VAL D 132 35.17 -10.60 -13.62
CA VAL D 132 34.33 -10.72 -14.81
C VAL D 132 33.71 -12.11 -14.87
N LYS D 133 34.49 -13.14 -14.53
CA LYS D 133 33.98 -14.51 -14.57
C LYS D 133 32.75 -14.67 -13.69
N GLY D 134 32.81 -14.16 -12.46
CA GLY D 134 31.69 -14.30 -11.55
C GLY D 134 30.50 -13.45 -11.95
N CYS D 135 30.76 -12.22 -12.43
CA CYS D 135 29.65 -11.37 -12.85
C CYS D 135 28.94 -11.94 -14.08
N ARG D 136 29.68 -12.60 -14.97
CA ARG D 136 29.03 -13.23 -16.12
C ARG D 136 28.20 -14.41 -15.68
N LYS D 137 28.66 -15.16 -14.67
CA LYS D 137 27.85 -16.27 -14.18
C LYS D 137 26.52 -15.77 -13.64
N VAL D 138 26.52 -14.62 -12.97
CA VAL D 138 25.26 -14.04 -12.50
C VAL D 138 24.36 -13.72 -13.69
N LEU D 139 24.89 -13.02 -14.68
CA LEU D 139 24.09 -12.63 -15.84
C LEU D 139 23.53 -13.84 -16.57
N GLU D 140 24.37 -14.86 -16.78
CA GLU D 140 23.93 -16.03 -17.52
C GLU D 140 22.90 -16.85 -16.75
N ALA D 141 22.82 -16.70 -15.43
CA ALA D 141 21.86 -17.46 -14.63
C ALA D 141 20.50 -16.80 -14.53
N VAL D 142 20.35 -15.55 -14.96
CA VAL D 142 19.10 -14.82 -14.83
C VAL D 142 18.53 -14.53 -16.22
N ASN D 143 17.29 -14.06 -16.24
CA ASN D 143 16.55 -13.79 -17.47
C ASN D 143 16.19 -12.32 -17.62
N LEU D 144 16.77 -11.44 -16.84
CA LEU D 144 16.43 -10.03 -16.80
C LEU D 144 17.70 -9.20 -16.92
N PRO D 145 17.58 -7.93 -17.32
CA PRO D 145 18.77 -7.07 -17.32
C PRO D 145 19.31 -6.87 -15.91
N LEU D 146 20.63 -6.70 -15.82
CA LEU D 146 21.34 -6.56 -14.56
C LEU D 146 22.00 -5.19 -14.44
N GLN D 147 21.92 -4.60 -13.23
CA GLN D 147 22.50 -3.30 -12.94
C GLN D 147 23.29 -3.35 -11.64
N ALA D 148 24.51 -2.79 -11.66
CA ALA D 148 25.24 -2.58 -10.42
C ALA D 148 24.62 -1.41 -9.66
N ARG D 149 24.17 -1.66 -8.43
CA ARG D 149 23.66 -0.63 -7.53
C ARG D 149 24.59 -0.58 -6.32
N HIS D 150 25.07 0.61 -5.97
CA HIS D 150 26.09 0.64 -4.94
C HIS D 150 26.20 2.02 -4.29
N GLY D 151 27.40 2.60 -4.27
CA GLY D 151 27.63 3.83 -3.55
C GLY D 151 29.12 4.02 -3.35
N THR D 152 29.82 4.25 -4.46
CA THR D 152 31.26 4.08 -4.56
C THR D 152 31.91 5.35 -5.11
N PRO D 153 32.68 6.09 -4.30
CA PRO D 153 33.34 7.28 -4.84
C PRO D 153 34.30 7.00 -5.97
N ASP D 154 35.06 5.92 -5.89
CA ASP D 154 36.01 5.51 -6.94
C ASP D 154 35.55 4.15 -7.45
N SER D 155 34.74 4.19 -8.51
CA SER D 155 34.06 3.02 -9.06
C SER D 155 34.67 2.57 -10.38
N ARG D 156 35.89 3.00 -10.69
CA ARG D 156 36.44 2.79 -12.03
C ARG D 156 36.66 1.32 -12.33
N LEU D 157 37.35 0.61 -11.44
CA LEU D 157 37.58 -0.83 -11.64
C LEU D 157 36.27 -1.60 -11.59
N LEU D 158 35.41 -1.28 -10.62
CA LEU D 158 34.09 -1.92 -10.54
C LEU D 158 33.34 -1.80 -11.85
N ALA D 159 33.33 -0.61 -12.45
CA ALA D 159 32.61 -0.43 -13.70
C ALA D 159 33.19 -1.27 -14.83
N GLU D 160 34.53 -1.30 -14.94
CA GLU D 160 35.17 -2.16 -15.95
C GLU D 160 34.73 -3.60 -15.79
N ILE D 161 34.72 -4.09 -14.56
CA ILE D 161 34.42 -5.50 -14.32
C ILE D 161 32.95 -5.81 -14.58
N ILE D 162 32.03 -4.97 -14.05
CA ILE D 162 30.62 -5.33 -14.19
C ILE D 162 30.13 -5.15 -15.62
N HIS D 163 30.66 -4.16 -16.36
CA HIS D 163 30.25 -4.01 -17.75
C HIS D 163 30.81 -5.13 -18.61
N ALA D 164 32.10 -5.46 -18.44
CA ALA D 164 32.63 -6.64 -19.13
C ALA D 164 31.90 -7.89 -18.70
N GLY D 165 31.37 -7.90 -17.47
CA GLY D 165 30.55 -8.97 -16.96
C GLY D 165 29.15 -9.05 -17.54
N GLY D 166 28.79 -8.17 -18.47
CA GLY D 166 27.48 -8.21 -19.08
C GLY D 166 26.40 -7.45 -18.35
N TRP D 167 26.75 -6.69 -17.32
CA TRP D 167 25.76 -5.88 -16.63
C TRP D 167 25.62 -4.58 -17.41
N THR D 168 24.40 -4.28 -17.87
CA THR D 168 24.19 -3.24 -18.85
C THR D 168 23.63 -1.96 -18.24
N SER D 169 23.86 -1.75 -16.94
CA SER D 169 23.60 -0.47 -16.30
C SER D 169 24.50 -0.35 -15.09
N ASN D 170 24.95 0.88 -14.83
CA ASN D 170 25.73 1.24 -13.66
C ASN D 170 25.06 2.46 -13.01
N GLU D 171 24.77 2.36 -11.73
CA GLU D 171 24.23 3.47 -10.98
C GLU D 171 25.36 4.33 -10.42
N GLY D 172 25.10 5.63 -10.28
CA GLY D 172 25.97 6.51 -9.52
C GLY D 172 26.36 7.76 -10.29
N GLY D 173 27.23 8.55 -9.66
CA GLY D 173 27.71 9.80 -10.23
C GLY D 173 28.70 10.42 -9.28
N GLY D 174 29.43 11.43 -9.76
CA GLY D 174 30.51 11.99 -8.97
C GLY D 174 30.04 12.80 -7.76
N ILE D 175 28.80 13.27 -7.76
CA ILE D 175 28.25 13.88 -6.55
C ILE D 175 27.49 12.86 -5.71
N SER D 176 26.56 12.14 -6.36
CA SER D 176 25.62 11.32 -5.58
C SER D 176 26.26 10.06 -5.02
N TYR D 177 27.37 9.60 -5.59
CA TYR D 177 28.13 8.52 -4.99
C TYR D 177 29.38 9.02 -4.27
N ASN D 178 29.46 10.32 -3.99
CA ASN D 178 30.45 10.86 -3.07
C ASN D 178 29.76 11.32 -1.78
N VAL D 179 29.03 12.44 -1.84
CA VAL D 179 28.62 13.13 -0.61
C VAL D 179 27.84 12.25 0.36
N PRO D 180 26.91 11.38 -0.06
CA PRO D 180 26.25 10.50 0.92
C PRO D 180 27.10 9.32 1.36
N TYR D 181 28.25 9.09 0.74
CA TYR D 181 28.93 7.81 0.81
C TYR D 181 30.39 7.93 1.21
N ALA D 182 30.86 9.12 1.56
CA ALA D 182 32.28 9.32 1.77
C ALA D 182 32.47 10.46 2.75
N LYS D 183 33.67 10.53 3.32
CA LYS D 183 34.02 11.58 4.25
C LYS D 183 35.16 12.45 3.75
N ASN D 184 36.15 11.86 3.08
CA ASN D 184 37.42 12.52 2.80
C ASN D 184 37.72 12.66 1.31
N VAL D 185 36.79 12.31 0.42
CA VAL D 185 37.03 12.35 -1.02
C VAL D 185 36.66 13.73 -1.55
N THR D 186 37.60 14.39 -2.23
CA THR D 186 37.27 15.70 -2.78
C THR D 186 36.22 15.55 -3.86
N ILE D 187 35.41 16.60 -4.04
CA ILE D 187 34.44 16.62 -5.13
C ILE D 187 35.17 16.54 -6.46
N GLU D 188 36.31 17.24 -6.58
CA GLU D 188 37.08 17.17 -7.82
C GLU D 188 37.49 15.73 -8.15
N LYS D 189 37.95 14.97 -7.14
CA LYS D 189 38.40 13.61 -7.44
C LYS D 189 37.24 12.69 -7.81
N SER D 190 36.11 12.79 -7.10
CA SER D 190 34.99 11.90 -7.44
C SER D 190 34.41 12.26 -8.80
N LEU D 191 34.37 13.55 -9.14
CA LEU D 191 33.93 13.93 -10.48
C LEU D 191 34.86 13.37 -11.55
N LEU D 192 36.18 13.43 -11.30
CA LEU D 192 37.14 12.85 -12.25
C LEU D 192 36.97 11.34 -12.37
N ASP D 193 36.78 10.66 -11.24
CA ASP D 193 36.65 9.21 -11.32
C ASP D 193 35.31 8.80 -11.92
N TRP D 194 34.27 9.61 -11.75
CA TRP D 194 33.02 9.29 -12.43
C TRP D 194 33.02 9.70 -13.90
N GLN D 195 33.85 10.67 -14.30
CA GLN D 195 34.08 10.87 -15.73
C GLN D 195 34.60 9.59 -16.39
N TYR D 196 35.49 8.86 -15.71
CA TYR D 196 35.95 7.58 -16.22
C TYR D 196 34.78 6.62 -16.43
N CYS D 197 33.93 6.50 -15.41
CA CYS D 197 32.81 5.58 -15.49
C CYS D 197 31.87 5.96 -16.64
N ASP D 198 31.62 7.26 -16.81
CA ASP D 198 30.80 7.72 -17.92
C ASP D 198 31.52 7.55 -19.25
N ARG D 199 32.83 7.82 -19.28
CA ARG D 199 33.61 7.67 -20.51
C ARG D 199 33.71 6.21 -20.96
N LEU D 200 33.69 5.26 -20.02
CA LEU D 200 33.66 3.86 -20.39
C LEU D 200 32.35 3.52 -21.09
N VAL D 201 31.23 3.98 -20.54
CA VAL D 201 29.95 3.83 -21.22
C VAL D 201 29.97 4.54 -22.57
N GLY D 202 30.62 5.70 -22.65
CA GLY D 202 30.74 6.40 -23.92
C GLY D 202 31.50 5.59 -24.95
N PHE D 203 32.57 4.90 -24.53
CA PHE D 203 33.29 4.02 -25.44
C PHE D 203 32.38 2.90 -25.93
N TYR D 204 31.67 2.25 -25.01
CA TYR D 204 30.80 1.15 -25.41
C TYR D 204 29.72 1.63 -26.38
N GLU D 205 29.12 2.79 -26.14
CA GLU D 205 28.10 3.28 -27.05
C GLU D 205 28.69 3.56 -28.44
N GLU D 206 29.94 4.05 -28.49
CA GLU D 206 30.59 4.27 -29.78
C GLU D 206 30.81 2.98 -30.54
N GLN D 207 30.84 1.84 -29.86
CA GLN D 207 30.91 0.55 -30.54
C GLN D 207 29.53 0.00 -30.88
N GLY D 208 28.46 0.69 -30.50
CA GLY D 208 27.12 0.19 -30.71
C GLY D 208 26.58 -0.65 -29.58
N VAL D 209 27.17 -0.57 -28.39
CA VAL D 209 26.71 -1.31 -27.21
C VAL D 209 25.97 -0.34 -26.30
N HIS D 210 24.72 -0.66 -25.95
CA HIS D 210 23.87 0.27 -25.23
C HIS D 210 23.89 -0.06 -23.74
N ILE D 211 24.30 0.91 -22.93
CA ILE D 211 24.46 0.72 -21.50
C ILE D 211 23.84 1.91 -20.79
N ASN D 212 22.99 1.65 -19.79
CA ASN D 212 22.28 2.67 -19.06
C ASN D 212 23.13 3.20 -17.90
N ARG D 213 22.94 4.48 -17.57
CA ARG D 213 23.54 5.10 -16.39
C ARG D 213 22.47 5.77 -15.56
N GLU D 214 22.54 5.60 -14.25
CA GLU D 214 21.53 6.12 -13.32
C GLU D 214 22.18 6.92 -12.20
N PRO D 215 22.20 8.25 -12.30
CA PRO D 215 22.57 9.07 -11.14
C PRO D 215 21.69 8.74 -9.95
N PHE D 216 22.26 8.82 -8.75
CA PHE D 216 21.55 8.37 -7.54
C PHE D 216 20.80 9.55 -6.92
N GLY D 217 19.53 9.69 -7.30
CA GLY D 217 18.72 10.81 -6.89
C GLY D 217 18.59 11.04 -5.39
N PRO D 218 18.24 10.01 -4.61
CA PRO D 218 17.88 10.22 -3.20
C PRO D 218 18.99 10.76 -2.30
N LEU D 219 20.26 10.63 -2.68
CA LEU D 219 21.38 11.19 -1.92
C LEU D 219 21.36 10.62 -0.50
N THR D 220 21.18 11.42 0.54
CA THR D 220 21.21 10.94 1.91
C THR D 220 19.89 10.35 2.36
N GLY D 221 18.87 10.36 1.51
CA GLY D 221 17.58 9.80 1.86
C GLY D 221 16.86 10.51 2.97
N THR D 222 17.31 11.71 3.34
CA THR D 222 16.86 12.36 4.58
C THR D 222 16.43 13.80 4.28
N LEU D 223 15.14 13.96 3.97
CA LEU D 223 14.50 15.27 3.77
C LEU D 223 15.25 16.12 2.73
N VAL D 224 15.57 15.52 1.60
CA VAL D 224 16.30 16.28 0.58
C VAL D 224 15.29 17.10 -0.24
N PRO D 225 15.36 18.42 -0.23
CA PRO D 225 14.40 19.21 -1.02
C PRO D 225 14.49 18.86 -2.50
N PRO D 226 13.35 18.74 -3.18
CA PRO D 226 13.38 18.38 -4.61
C PRO D 226 14.33 19.21 -5.46
N SER D 227 14.36 20.53 -5.27
CA SER D 227 15.20 21.35 -6.14
C SER D 227 16.69 21.07 -5.93
N MET D 228 17.11 20.73 -4.70
CA MET D 228 18.51 20.39 -4.50
C MET D 228 18.82 19.02 -5.10
N SER D 229 17.96 18.03 -4.84
CA SER D 229 18.09 16.71 -5.46
C SER D 229 18.13 16.81 -6.98
N ASN D 230 17.18 17.56 -7.55
CA ASN D 230 17.10 17.66 -9.01
C ASN D 230 18.30 18.39 -9.60
N ALA D 231 18.84 19.39 -8.91
CA ALA D 231 20.03 20.05 -9.41
C ALA D 231 21.19 19.06 -9.52
N VAL D 232 21.34 18.18 -8.53
CA VAL D 232 22.38 17.16 -8.59
C VAL D 232 22.14 16.23 -9.78
N GLY D 233 20.91 15.76 -9.93
CA GLY D 233 20.62 14.80 -10.99
C GLY D 233 20.83 15.36 -12.38
N ILE D 234 20.38 16.60 -12.60
CA ILE D 234 20.59 17.24 -13.91
C ILE D 234 22.08 17.42 -14.16
N THR D 235 22.83 17.84 -13.14
CA THR D 235 24.28 17.98 -13.27
C THR D 235 24.93 16.66 -13.67
N GLU D 236 24.59 15.58 -12.96
CA GLU D 236 25.23 14.30 -13.26
C GLU D 236 24.82 13.80 -14.64
N ALA D 237 23.59 14.10 -15.08
CA ALA D 237 23.20 13.75 -16.45
C ALA D 237 24.02 14.52 -17.47
N LEU D 238 24.20 15.83 -17.26
CA LEU D 238 25.00 16.64 -18.18
C LEU D 238 26.45 16.16 -18.22
N LEU D 239 27.03 15.88 -17.06
CA LEU D 239 28.43 15.44 -17.03
C LEU D 239 28.60 14.08 -17.70
N ALA D 240 27.60 13.22 -17.57
CA ALA D 240 27.67 11.91 -18.24
C ALA D 240 27.51 12.07 -19.75
N ALA D 241 26.60 12.92 -20.19
CA ALA D 241 26.37 13.08 -21.63
C ALA D 241 27.62 13.60 -22.33
N GLU D 242 28.35 14.50 -21.67
CA GLU D 242 29.57 15.01 -22.28
C GLU D 242 30.60 13.91 -22.53
N GLN D 243 30.61 12.86 -21.71
CA GLN D 243 31.56 11.76 -21.92
C GLN D 243 31.04 10.71 -22.91
N GLY D 244 29.84 10.88 -23.45
CA GLY D 244 29.32 10.00 -24.49
C GLY D 244 28.17 9.11 -24.06
N VAL D 245 27.68 9.26 -22.83
CA VAL D 245 26.56 8.44 -22.38
C VAL D 245 25.30 8.84 -23.14
N LYS D 246 24.51 7.83 -23.54
CA LYS D 246 23.34 8.05 -24.37
C LYS D 246 22.02 7.60 -23.74
N ASN D 247 22.06 6.85 -22.64
CA ASN D 247 20.84 6.30 -22.03
C ASN D 247 20.94 6.56 -20.53
N ILE D 248 20.13 7.48 -20.02
CA ILE D 248 20.27 7.99 -18.66
C ILE D 248 18.93 7.91 -17.95
N THR D 249 18.93 7.33 -16.74
CA THR D 249 17.76 7.33 -15.86
C THR D 249 18.06 8.28 -14.72
N VAL D 250 17.34 9.39 -14.64
CA VAL D 250 17.53 10.32 -13.54
C VAL D 250 16.57 9.91 -12.42
N GLY D 251 17.03 10.07 -11.17
CA GLY D 251 16.26 9.55 -10.06
C GLY D 251 15.81 10.60 -9.07
N TYR D 252 14.83 10.23 -8.25
CA TYR D 252 14.29 11.11 -7.22
C TYR D 252 13.82 10.25 -6.06
N GLY D 253 14.10 10.69 -4.84
CA GLY D 253 13.67 9.98 -3.65
C GLY D 253 12.39 10.58 -3.09
N GLU D 254 11.41 9.71 -2.81
CA GLU D 254 10.13 10.16 -2.28
C GLU D 254 10.30 11.07 -1.05
N CYS D 255 9.63 12.22 -1.08
CA CYS D 255 9.48 13.02 0.13
C CYS D 255 8.17 12.76 0.88
N GLY D 256 7.10 12.40 0.17
CA GLY D 256 5.89 11.87 0.78
C GLY D 256 4.63 12.65 0.46
N ASN D 257 4.74 13.94 0.19
CA ASN D 257 3.59 14.67 -0.31
C ASN D 257 3.43 14.33 -1.79
N MET D 258 2.29 13.74 -2.15
CA MET D 258 2.15 13.18 -3.49
C MET D 258 2.32 14.24 -4.57
N ILE D 259 1.73 15.42 -4.37
CA ILE D 259 1.83 16.46 -5.38
C ILE D 259 3.27 16.99 -5.48
N GLN D 260 3.94 17.18 -4.35
CA GLN D 260 5.34 17.60 -4.42
C GLN D 260 6.20 16.56 -5.11
N ASP D 261 5.97 15.28 -4.81
CA ASP D 261 6.77 14.22 -5.42
C ASP D 261 6.53 14.11 -6.92
N ILE D 262 5.27 14.21 -7.34
CA ILE D 262 4.98 14.14 -8.78
C ILE D 262 5.54 15.37 -9.48
N ALA D 263 5.39 16.55 -8.88
CA ALA D 263 6.04 17.75 -9.41
C ALA D 263 7.54 17.56 -9.53
N ALA D 264 8.18 16.98 -8.50
CA ALA D 264 9.63 16.80 -8.52
C ALA D 264 10.08 15.91 -9.67
N LEU D 265 9.40 14.78 -9.85
CA LEU D 265 9.82 13.85 -10.90
C LEU D 265 9.55 14.42 -12.29
N ARG D 266 8.43 15.12 -12.44
CA ARG D 266 8.16 15.74 -13.73
C ARG D 266 9.14 16.86 -14.02
N CYS D 267 9.45 17.69 -13.03
CA CYS D 267 10.45 18.74 -13.25
C CYS D 267 11.81 18.15 -13.56
N LEU D 268 12.18 17.08 -12.85
CA LEU D 268 13.46 16.44 -13.07
C LEU D 268 13.59 15.96 -14.51
N GLU D 269 12.55 15.29 -15.02
CA GLU D 269 12.60 14.79 -16.38
C GLU D 269 12.57 15.93 -17.38
N GLU D 270 11.68 16.89 -17.19
CA GLU D 270 11.56 18.00 -18.13
C GLU D 270 12.84 18.83 -18.17
N GLN D 271 13.37 19.19 -17.00
CA GLN D 271 14.57 20.02 -17.03
C GLN D 271 15.81 19.22 -17.45
N THR D 272 15.87 17.92 -17.14
CA THR D 272 16.97 17.13 -17.68
C THR D 272 16.99 17.17 -19.21
N ASN D 273 15.85 16.91 -19.84
CA ASN D 273 15.78 16.99 -21.30
C ASN D 273 16.09 18.40 -21.78
N GLU D 274 15.53 19.41 -21.13
CA GLU D 274 15.77 20.79 -21.55
C GLU D 274 17.25 21.14 -21.52
N TYR D 275 17.91 20.81 -20.41
CA TYR D 275 19.34 21.13 -20.28
C TYR D 275 20.18 20.33 -21.25
N LEU D 276 19.89 19.03 -21.41
CA LEU D 276 20.65 18.24 -22.38
C LEU D 276 20.59 18.87 -23.77
N LYS D 277 19.40 19.27 -24.19
CA LYS D 277 19.25 19.85 -25.53
C LYS D 277 19.86 21.23 -25.60
N ALA D 278 19.73 22.04 -24.53
CA ALA D 278 20.33 23.36 -24.51
C ALA D 278 21.85 23.30 -24.69
N TYR D 279 22.49 22.24 -24.20
CA TYR D 279 23.92 22.08 -24.32
C TYR D 279 24.31 21.15 -25.46
N GLY D 280 23.38 20.83 -26.36
CA GLY D 280 23.73 20.16 -27.60
C GLY D 280 23.74 18.65 -27.57
N TYR D 281 23.31 18.04 -26.47
CA TYR D 281 23.23 16.58 -26.37
C TYR D 281 21.83 16.19 -26.84
N ASN D 282 21.72 15.82 -28.12
CA ASN D 282 20.44 15.70 -28.81
C ASN D 282 20.01 14.27 -29.06
N ASP D 283 20.79 13.27 -28.61
CA ASP D 283 20.48 11.87 -28.86
C ASP D 283 20.47 11.07 -27.56
N VAL D 284 20.08 11.68 -26.46
CA VAL D 284 20.10 11.03 -25.16
C VAL D 284 18.69 10.59 -24.81
N PHE D 285 18.53 9.33 -24.48
CA PHE D 285 17.22 8.78 -24.10
C PHE D 285 17.12 8.84 -22.58
N VAL D 286 16.18 9.65 -22.09
CA VAL D 286 16.05 9.91 -20.65
C VAL D 286 14.84 9.17 -20.11
N THR D 287 15.01 8.48 -18.99
CA THR D 287 13.94 7.83 -18.23
C THR D 287 14.05 8.29 -16.78
N THR D 288 13.07 7.91 -15.97
CA THR D 288 13.05 8.32 -14.57
C THR D 288 12.97 7.10 -13.66
N VAL D 289 13.52 7.25 -12.44
CA VAL D 289 13.32 6.25 -11.40
C VAL D 289 12.85 6.95 -10.13
N PHE D 290 11.80 6.40 -9.53
CA PHE D 290 11.26 6.90 -8.27
C PHE D 290 11.65 5.92 -7.18
N HIS D 291 12.31 6.40 -6.13
CA HIS D 291 12.70 5.53 -5.02
C HIS D 291 11.63 5.61 -3.94
N GLN D 292 11.06 4.47 -3.56
CA GLN D 292 10.20 4.44 -2.40
C GLN D 292 10.97 4.95 -1.19
N TRP D 293 10.25 5.63 -0.28
CA TRP D 293 10.75 6.26 0.94
C TRP D 293 12.12 5.76 1.39
N MET D 294 13.12 6.64 1.32
CA MET D 294 14.49 6.29 1.64
C MET D 294 14.89 6.69 3.06
N GLY D 295 13.96 7.21 3.87
CA GLY D 295 14.23 7.53 5.26
C GLY D 295 13.96 6.34 6.17
N GLY D 296 14.00 6.60 7.48
CA GLY D 296 13.78 5.52 8.43
C GLY D 296 12.38 4.92 8.27
N PHE D 297 12.31 3.57 8.36
CA PHE D 297 11.07 2.82 8.21
C PHE D 297 10.47 2.44 9.56
N PRO D 298 9.16 2.23 9.63
CA PRO D 298 8.58 1.60 10.81
C PRO D 298 9.01 0.14 10.87
N GLN D 299 9.15 -0.37 12.09
CA GLN D 299 9.57 -1.75 12.26
C GLN D 299 8.44 -2.72 11.98
N ASP D 300 7.21 -2.36 12.31
CA ASP D 300 6.07 -3.23 12.07
C ASP D 300 5.89 -3.48 10.57
N GLU D 301 5.83 -4.76 10.18
CA GLU D 301 5.83 -5.10 8.76
C GLU D 301 4.57 -4.62 8.05
N SER D 302 3.42 -4.62 8.75
CA SER D 302 2.20 -4.11 8.13
C SER D 302 2.30 -2.62 7.88
N LYS D 303 2.83 -1.87 8.85
CA LYS D 303 3.09 -0.45 8.60
C LYS D 303 4.10 -0.27 7.46
N ALA D 304 5.10 -1.15 7.37
CA ALA D 304 6.05 -1.05 6.27
C ALA D 304 5.35 -1.17 4.91
N PHE D 305 4.40 -2.11 4.78
CA PHE D 305 3.64 -2.20 3.53
C PHE D 305 2.87 -0.92 3.25
N GLY D 306 2.37 -0.26 4.29
CA GLY D 306 1.72 1.03 4.11
C GLY D 306 2.63 2.05 3.44
N VAL D 307 3.91 2.06 3.82
CA VAL D 307 4.87 2.96 3.19
C VAL D 307 5.19 2.49 1.77
N ILE D 308 5.49 1.20 1.61
CA ILE D 308 5.87 0.65 0.30
C ILE D 308 4.81 0.96 -0.75
N VAL D 309 3.53 0.74 -0.41
CA VAL D 309 2.49 0.80 -1.43
C VAL D 309 2.02 2.23 -1.66
N THR D 310 1.97 3.07 -0.62
CA THR D 310 1.69 4.49 -0.90
C THR D 310 2.79 5.09 -1.77
N ALA D 311 4.05 4.76 -1.47
CA ALA D 311 5.16 5.20 -2.32
C ALA D 311 4.95 4.75 -3.76
N THR D 312 4.56 3.50 -3.95
CA THR D 312 4.37 2.98 -5.31
C THR D 312 3.25 3.72 -6.03
N THR D 313 2.18 4.05 -5.30
CA THR D 313 1.08 4.80 -5.90
C THR D 313 1.56 6.15 -6.41
N ILE D 314 2.42 6.82 -5.63
CA ILE D 314 2.97 8.09 -6.09
C ILE D 314 3.81 7.87 -7.37
N ALA D 315 4.66 6.85 -7.36
CA ALA D 315 5.49 6.56 -8.53
C ALA D 315 4.65 6.28 -9.77
N ALA D 316 3.59 5.48 -9.62
CA ALA D 316 2.74 5.14 -10.74
C ALA D 316 2.06 6.37 -11.32
N LEU D 317 1.44 7.18 -10.46
CA LEU D 317 0.76 8.38 -10.93
C LEU D 317 1.72 9.43 -11.46
N ALA D 318 2.99 9.40 -11.03
CA ALA D 318 4.00 10.30 -11.58
C ALA D 318 4.47 9.89 -12.96
N GLY D 319 4.18 8.67 -13.38
CA GLY D 319 4.66 8.20 -14.67
C GLY D 319 6.11 7.76 -14.66
N ALA D 320 6.62 7.31 -13.50
CA ALA D 320 8.01 6.90 -13.40
C ALA D 320 8.28 5.72 -14.31
N THR D 321 9.48 5.69 -14.90
CA THR D 321 9.82 4.52 -15.70
C THR D 321 10.16 3.34 -14.81
N LYS D 322 10.68 3.61 -13.63
CA LYS D 322 11.16 2.56 -12.73
C LYS D 322 10.82 2.98 -11.31
N VAL D 323 10.54 1.99 -10.45
CA VAL D 323 10.41 2.24 -9.02
C VAL D 323 11.30 1.26 -8.27
N ILE D 324 12.05 1.74 -7.27
CA ILE D 324 12.93 0.89 -6.49
C ILE D 324 12.20 0.41 -5.25
N VAL D 325 12.23 -0.89 -5.02
CA VAL D 325 11.36 -1.56 -4.04
C VAL D 325 12.04 -1.63 -2.68
N LYS D 326 11.36 -1.14 -1.65
CA LYS D 326 11.68 -1.37 -0.25
C LYS D 326 10.98 -2.62 0.26
N THR D 327 11.50 -3.18 1.36
CA THR D 327 10.94 -4.41 1.91
C THR D 327 10.48 -4.19 3.35
N PRO D 328 9.67 -5.10 3.89
CA PRO D 328 9.24 -4.96 5.30
C PRO D 328 10.36 -5.16 6.31
N HIS D 329 11.56 -5.56 5.89
CA HIS D 329 12.69 -5.67 6.80
C HIS D 329 13.53 -4.39 6.85
N GLU D 330 13.09 -3.32 6.20
CA GLU D 330 13.93 -2.13 6.05
C GLU D 330 14.43 -1.59 7.40
N ALA D 331 13.56 -1.56 8.42
CA ALA D 331 14.01 -0.99 9.69
C ALA D 331 15.07 -1.82 10.37
N ILE D 332 15.23 -3.10 10.00
CA ILE D 332 15.96 -4.08 10.81
C ILE D 332 17.27 -4.49 10.15
N GLY D 333 17.21 -5.00 8.93
CA GLY D 333 18.44 -5.49 8.33
C GLY D 333 18.20 -5.94 6.90
N ILE D 334 19.29 -6.33 6.26
CA ILE D 334 19.27 -6.80 4.86
C ILE D 334 18.13 -7.80 4.72
N PRO D 335 17.18 -7.59 3.82
CA PRO D 335 16.01 -8.49 3.74
C PRO D 335 16.39 -9.91 3.32
N THR D 336 15.66 -10.87 3.86
CA THR D 336 15.64 -12.20 3.29
C THR D 336 15.06 -12.15 1.88
N LYS D 337 15.28 -13.22 1.12
CA LYS D 337 14.68 -13.28 -0.20
C LYS D 337 13.16 -13.27 -0.11
N GLU D 338 12.59 -13.83 0.96
CA GLU D 338 11.14 -13.83 1.14
C GLU D 338 10.60 -12.42 1.41
N ALA D 339 11.26 -11.67 2.31
CA ALA D 339 10.82 -10.30 2.58
C ALA D 339 10.99 -9.42 1.36
N ASN D 340 12.05 -9.68 0.58
CA ASN D 340 12.25 -8.91 -0.64
C ASN D 340 11.18 -9.22 -1.68
N ALA D 341 10.92 -10.52 -1.93
CA ALA D 341 9.85 -10.89 -2.83
C ALA D 341 8.50 -10.33 -2.36
N ALA D 342 8.28 -10.28 -1.05
CA ALA D 342 7.06 -9.67 -0.53
C ALA D 342 6.94 -8.21 -0.95
N GLY D 343 8.02 -7.44 -0.79
CA GLY D 343 8.00 -6.06 -1.24
C GLY D 343 7.76 -5.92 -2.72
N ILE D 344 8.41 -6.77 -3.53
CA ILE D 344 8.23 -6.68 -4.97
C ILE D 344 6.79 -7.00 -5.34
N LYS D 345 6.22 -8.04 -4.73
CA LYS D 345 4.86 -8.45 -5.07
C LYS D 345 3.85 -7.37 -4.69
N ALA D 346 4.02 -6.74 -3.52
CA ALA D 346 3.11 -5.65 -3.16
C ALA D 346 3.29 -4.48 -4.11
N THR D 347 4.53 -4.20 -4.50
CA THR D 347 4.80 -3.08 -5.40
C THR D 347 4.19 -3.32 -6.76
N LYS D 348 4.43 -4.50 -7.34
CA LYS D 348 3.86 -4.77 -8.66
C LYS D 348 2.34 -4.88 -8.62
N MET D 349 1.77 -5.38 -7.53
CA MET D 349 0.31 -5.40 -7.42
C MET D 349 -0.24 -3.98 -7.48
N ALA D 350 0.38 -3.07 -6.72
CA ALA D 350 -0.04 -1.67 -6.76
C ALA D 350 0.10 -1.08 -8.17
N LEU D 351 1.23 -1.34 -8.84
CA LEU D 351 1.40 -0.83 -10.19
C LEU D 351 0.30 -1.35 -11.13
N ASN D 352 0.00 -2.65 -11.04
CA ASN D 352 -1.02 -3.24 -11.91
C ASN D 352 -2.43 -2.79 -11.52
N MET D 353 -2.65 -2.44 -10.26
CA MET D 353 -3.93 -1.86 -9.86
C MET D 353 -4.11 -0.44 -10.37
N LEU D 354 -3.05 0.17 -10.89
CA LEU D 354 -3.07 1.56 -11.34
C LEU D 354 -2.71 1.69 -12.81
N GLU D 355 -2.83 0.61 -13.57
CA GLU D 355 -2.31 0.55 -14.94
C GLU D 355 -2.82 1.73 -15.77
N GLY D 356 -1.89 2.46 -16.37
CA GLY D 356 -2.18 3.59 -17.24
C GLY D 356 -2.62 4.86 -16.54
N GLN D 357 -2.85 4.84 -15.23
CA GLN D 357 -3.34 6.01 -14.53
C GLN D 357 -2.21 7.00 -14.25
N ARG D 358 -2.48 8.28 -14.51
CA ARG D 358 -1.53 9.35 -14.25
C ARG D 358 -2.25 10.46 -13.50
N MET D 359 -1.50 11.16 -12.67
CA MET D 359 -2.01 12.36 -12.01
C MET D 359 -2.33 13.41 -13.07
N PRO D 360 -3.57 13.88 -13.17
CA PRO D 360 -3.88 14.96 -14.11
C PRO D 360 -3.31 16.29 -13.61
N MET D 361 -3.20 17.24 -14.55
CA MET D 361 -2.67 18.54 -14.20
C MET D 361 -3.67 19.30 -13.35
N SER D 362 -3.15 20.06 -12.39
CA SER D 362 -3.95 20.91 -11.52
C SER D 362 -3.18 22.19 -11.29
N LYS D 363 -3.90 23.22 -10.82
CA LYS D 363 -3.23 24.46 -10.42
C LYS D 363 -2.21 24.19 -9.32
N GLU D 364 -2.58 23.34 -8.35
CA GLU D 364 -1.65 23.00 -7.29
CA GLU D 364 -1.67 22.98 -7.28
C GLU D 364 -0.39 22.36 -7.84
N LEU D 365 -0.52 21.43 -8.80
CA LEU D 365 0.65 20.80 -9.39
C LEU D 365 1.46 21.80 -10.21
N GLU D 366 0.75 22.63 -10.99
CA GLU D 366 1.43 23.63 -11.81
C GLU D 366 2.23 24.59 -10.94
N THR D 367 1.67 24.99 -9.80
CA THR D 367 2.36 25.91 -8.90
C THR D 367 3.63 25.29 -8.33
N GLU D 368 3.53 24.06 -7.84
CA GLU D 368 4.70 23.40 -7.27
C GLU D 368 5.77 23.15 -8.32
N MET D 369 5.37 22.80 -9.55
CA MET D 369 6.38 22.62 -10.59
C MET D 369 7.13 23.92 -10.86
N ALA D 370 6.41 25.05 -10.88
CA ALA D 370 7.09 26.33 -11.12
C ALA D 370 8.07 26.65 -10.00
N VAL D 371 7.67 26.37 -8.76
CA VAL D 371 8.58 26.59 -7.63
C VAL D 371 9.83 25.74 -7.78
N ILE D 372 9.66 24.44 -8.05
CA ILE D 372 10.80 23.55 -8.14
C ILE D 372 11.72 23.95 -9.30
N LYS D 373 11.15 24.24 -10.48
CA LYS D 373 12.00 24.61 -11.61
C LYS D 373 12.79 25.89 -11.30
N ALA D 374 12.14 26.87 -10.66
CA ALA D 374 12.80 28.14 -10.35
C ALA D 374 13.91 27.95 -9.32
N GLU D 375 13.63 27.17 -8.27
CA GLU D 375 14.68 26.88 -7.29
C GLU D 375 15.83 26.14 -7.94
N THR D 376 15.52 25.12 -8.75
CA THR D 376 16.58 24.33 -9.39
C THR D 376 17.42 25.22 -10.30
N LYS D 377 16.78 26.11 -11.04
CA LYS D 377 17.50 26.99 -11.96
C LYS D 377 18.40 27.97 -11.22
N CYS D 378 17.98 28.45 -10.03
CA CYS D 378 18.86 29.29 -9.22
C CYS D 378 20.18 28.57 -8.95
N ILE D 379 20.10 27.29 -8.57
CA ILE D 379 21.28 26.55 -8.19
C ILE D 379 22.16 26.29 -9.42
N LEU D 380 21.56 25.82 -10.52
CA LEU D 380 22.35 25.52 -11.71
C LEU D 380 22.94 26.79 -12.33
N ASP D 381 22.17 27.87 -12.39
CA ASP D 381 22.69 29.14 -12.90
C ASP D 381 23.95 29.54 -12.15
N LYS D 382 23.91 29.42 -10.82
CA LYS D 382 25.07 29.82 -10.01
C LYS D 382 26.25 28.90 -10.26
N MET D 383 26.01 27.59 -10.40
CA MET D 383 27.08 26.65 -10.71
C MET D 383 27.77 27.01 -12.02
N PHE D 384 26.99 27.31 -13.07
CA PHE D 384 27.61 27.67 -14.35
C PHE D 384 28.41 28.96 -14.22
N GLU D 385 27.88 29.93 -13.48
CA GLU D 385 28.61 31.17 -13.23
C GLU D 385 29.93 30.89 -12.51
N LEU D 386 29.88 30.12 -11.41
CA LEU D 386 31.10 29.82 -10.67
C LEU D 386 32.14 29.11 -11.53
N GLY D 387 31.69 28.21 -12.41
CA GLY D 387 32.62 27.50 -13.28
C GLY D 387 33.01 28.26 -14.53
N LYS D 388 32.59 29.52 -14.64
CA LYS D 388 32.76 30.31 -15.86
C LYS D 388 32.35 29.50 -17.09
N GLY D 389 31.20 28.85 -16.99
CA GLY D 389 30.62 28.07 -18.06
C GLY D 389 30.90 26.59 -17.99
N ASP D 390 31.86 26.16 -17.18
CA ASP D 390 32.20 24.74 -17.04
C ASP D 390 31.47 24.18 -15.83
N LEU D 391 30.56 23.23 -16.07
CA LEU D 391 29.70 22.72 -15.00
C LEU D 391 30.47 21.87 -13.99
N ALA D 392 31.52 21.17 -14.44
CA ALA D 392 32.29 20.34 -13.52
C ALA D 392 33.08 21.21 -12.54
N ILE D 393 33.75 22.24 -13.05
CA ILE D 393 34.43 23.17 -12.15
C ILE D 393 33.42 23.90 -11.28
N GLY D 394 32.27 24.27 -11.86
CA GLY D 394 31.24 24.95 -11.09
C GLY D 394 30.69 24.10 -9.96
N THR D 395 30.63 22.78 -10.16
CA THR D 395 30.20 21.88 -9.09
C THR D 395 31.20 21.87 -7.95
N VAL D 396 32.50 21.81 -8.25
CA VAL D 396 33.50 21.87 -7.20
C VAL D 396 33.35 23.16 -6.40
N LYS D 397 33.24 24.29 -7.09
CA LYS D 397 33.16 25.58 -6.40
C LYS D 397 31.82 25.75 -5.69
N ALA D 398 30.76 25.12 -6.22
CA ALA D 398 29.47 25.19 -5.56
C ALA D 398 29.50 24.49 -4.21
N PHE D 399 30.19 23.35 -4.13
CA PHE D 399 30.32 22.70 -2.83
C PHE D 399 31.23 23.48 -1.90
N GLU D 400 32.30 24.08 -2.44
CA GLU D 400 33.19 24.88 -1.60
C GLU D 400 32.47 26.07 -0.98
N THR D 401 31.48 26.63 -1.68
CA THR D 401 30.81 27.85 -1.23
C THR D 401 29.41 27.61 -0.69
N GLY D 402 28.96 26.36 -0.61
CA GLY D 402 27.65 26.06 -0.05
C GLY D 402 26.48 26.33 -0.98
N VAL D 403 26.74 26.61 -2.26
CA VAL D 403 25.67 26.77 -3.24
C VAL D 403 24.91 25.46 -3.43
N MET D 404 25.64 24.37 -3.53
CA MET D 404 25.10 23.02 -3.48
C MET D 404 25.45 22.43 -2.12
N ASP D 405 24.45 21.89 -1.42
CA ASP D 405 24.60 21.54 -0.02
C ASP D 405 23.58 20.44 0.27
N ILE D 406 24.04 19.26 0.64
CA ILE D 406 23.20 18.07 0.73
C ILE D 406 22.92 17.80 2.21
N PRO D 407 21.66 17.77 2.65
CA PRO D 407 21.36 17.57 4.07
C PRO D 407 21.99 16.29 4.63
N PHE D 408 22.73 16.46 5.73
CA PHE D 408 23.30 15.38 6.54
C PHE D 408 24.40 14.59 5.84
N GLY D 409 24.95 15.09 4.73
CA GLY D 409 26.02 14.41 4.04
C GLY D 409 27.28 14.28 4.89
N PRO D 410 27.85 13.08 4.95
CA PRO D 410 29.10 12.90 5.72
C PRO D 410 30.32 13.58 5.12
N SER D 411 30.32 13.88 3.82
CA SER D 411 31.48 14.47 3.19
C SER D 411 31.92 15.75 3.91
N LYS D 412 33.21 15.84 4.22
CA LYS D 412 33.69 17.10 4.80
C LYS D 412 33.70 18.23 3.77
N TYR D 413 33.48 17.93 2.49
CA TYR D 413 33.39 18.94 1.44
C TYR D 413 31.96 19.45 1.25
N ASN D 414 31.02 18.93 2.03
CA ASN D 414 29.65 19.41 2.07
C ASN D 414 29.52 20.46 3.18
N ALA D 415 28.92 21.60 2.85
CA ALA D 415 28.90 22.71 3.82
C ALA D 415 28.09 22.37 5.07
N GLY D 416 27.01 21.63 4.93
CA GLY D 416 26.19 21.24 6.07
C GLY D 416 25.45 22.40 6.72
N LYS D 417 25.19 23.47 5.98
CA LYS D 417 24.53 24.66 6.50
CA LYS D 417 24.53 24.66 6.50
C LYS D 417 23.04 24.71 6.14
N MET D 418 22.67 24.31 4.93
CA MET D 418 21.26 24.26 4.59
C MET D 418 20.56 23.22 5.46
N MET D 419 19.33 23.54 5.88
CA MET D 419 18.57 22.69 6.80
C MET D 419 17.18 22.53 6.22
N PRO D 420 16.71 21.30 5.95
CA PRO D 420 15.35 21.10 5.42
C PRO D 420 14.34 20.81 6.51
N VAL D 421 13.04 21.01 6.24
CA VAL D 421 12.00 20.63 7.18
C VAL D 421 10.67 20.60 6.41
N ARG D 422 9.69 19.87 6.94
CA ARG D 422 8.41 19.76 6.24
C ARG D 422 7.49 20.92 6.57
N ASP D 423 6.63 21.29 5.59
CA ASP D 423 5.60 22.28 5.86
C ASP D 423 4.34 21.57 6.38
N ASN D 424 3.22 22.29 6.47
CA ASN D 424 2.07 21.75 7.18
C ASN D 424 1.36 20.65 6.40
N LEU D 425 1.60 20.56 5.09
CA LEU D 425 1.07 19.48 4.28
CA LEU D 425 1.08 19.49 4.25
C LEU D 425 2.11 18.40 4.00
N GLY D 426 3.26 18.47 4.68
CA GLY D 426 4.28 17.45 4.53
C GLY D 426 5.29 17.71 3.43
N CYS D 427 5.18 18.82 2.70
CA CYS D 427 6.18 19.08 1.65
C CYS D 427 7.50 19.46 2.29
N VAL D 428 8.59 18.88 1.80
CA VAL D 428 9.92 19.27 2.29
C VAL D 428 10.24 20.67 1.78
N ARG D 429 10.61 21.56 2.71
CA ARG D 429 10.95 22.94 2.40
C ARG D 429 12.33 23.23 2.98
N TYR D 430 12.85 24.43 2.65
CA TYR D 430 14.10 24.92 3.21
C TYR D 430 13.80 25.70 4.49
N LEU D 431 14.33 25.23 5.61
CA LEU D 431 14.24 25.92 6.90
C LEU D 431 15.34 26.98 7.03
N GLU D 432 16.58 26.58 6.81
CA GLU D 432 17.72 27.48 6.78
C GLU D 432 18.36 27.36 5.41
N PHE D 433 18.62 28.50 4.77
CA PHE D 433 19.08 28.46 3.39
C PHE D 433 20.59 28.29 3.24
N GLY D 434 21.36 28.58 4.29
CA GLY D 434 22.80 28.58 4.13
C GLY D 434 23.16 29.50 2.98
N ASN D 435 24.03 29.03 2.08
CA ASN D 435 24.42 29.78 0.90
C ASN D 435 23.72 29.32 -0.37
N VAL D 436 22.62 28.58 -0.25
CA VAL D 436 21.87 28.21 -1.46
C VAL D 436 21.35 29.48 -2.13
N PRO D 437 21.63 29.71 -3.42
CA PRO D 437 21.49 31.06 -4.02
C PRO D 437 20.07 31.38 -4.49
N PHE D 438 19.13 31.37 -3.55
CA PHE D 438 17.74 31.64 -3.87
C PHE D 438 17.46 33.15 -3.86
N THR D 439 16.50 33.55 -4.69
CA THR D 439 15.97 34.91 -4.61
C THR D 439 15.14 35.08 -3.35
N GLU D 440 14.84 36.34 -3.02
CA GLU D 440 13.99 36.62 -1.86
CA GLU D 440 14.00 36.59 -1.86
C GLU D 440 12.59 36.05 -2.05
N GLU D 441 12.06 36.11 -3.29
CA GLU D 441 10.74 35.54 -3.56
CA GLU D 441 10.74 35.55 -3.55
C GLU D 441 10.70 34.05 -3.22
N ILE D 442 11.73 33.31 -3.60
CA ILE D 442 11.80 31.88 -3.35
C ILE D 442 11.93 31.60 -1.86
N LYS D 443 12.80 32.34 -1.17
CA LYS D 443 12.94 32.17 0.27
C LYS D 443 11.63 32.48 0.99
N ASN D 444 10.94 33.55 0.57
CA ASN D 444 9.72 33.92 1.29
CA ASN D 444 9.71 33.95 1.26
C ASN D 444 8.62 32.90 1.10
N TYR D 445 8.56 32.23 -0.05
CA TYR D 445 7.55 31.19 -0.22
C TYR D 445 7.81 30.02 0.73
N ASN D 446 9.07 29.59 0.83
CA ASN D 446 9.42 28.56 1.81
C ASN D 446 8.98 28.98 3.21
N ARG D 447 9.27 30.23 3.58
CA ARG D 447 8.93 30.69 4.93
C ARG D 447 7.43 30.72 5.15
N GLU D 448 6.67 31.17 4.15
CA GLU D 448 5.22 31.21 4.27
C GLU D 448 4.63 29.82 4.45
N ARG D 449 5.12 28.85 3.69
CA ARG D 449 4.64 27.48 3.84
C ARG D 449 4.95 26.92 5.22
N LEU D 450 6.16 27.21 5.73
CA LEU D 450 6.53 26.69 7.05
C LEU D 450 5.76 27.37 8.18
N GLN D 451 5.40 28.66 8.01
CA GLN D 451 4.64 29.34 9.05
CA GLN D 451 4.63 29.34 9.05
C GLN D 451 3.29 28.68 9.28
N GLU D 452 2.69 28.10 8.22
CA GLU D 452 1.43 27.40 8.40
C GLU D 452 1.59 26.23 9.37
N ARG D 453 2.76 25.58 9.35
CA ARG D 453 2.99 24.48 10.28
C ARG D 453 3.18 25.01 11.70
N ALA D 454 3.91 26.11 11.86
CA ALA D 454 4.03 26.73 13.17
C ALA D 454 2.67 27.05 13.74
N LYS D 455 1.80 27.65 12.91
CA LYS D 455 0.47 28.03 13.37
C LYS D 455 -0.36 26.80 13.77
N PHE D 456 -0.30 25.75 12.97
CA PHE D 456 -1.11 24.57 13.27
C PHE D 456 -0.60 23.83 14.49
N GLU D 457 0.70 23.72 14.66
CA GLU D 457 1.26 22.95 15.76
C GLU D 457 1.44 23.79 17.03
N GLY D 458 1.32 25.11 16.92
CA GLY D 458 1.47 25.96 18.09
C GLY D 458 2.89 26.02 18.62
N ARG D 459 3.89 25.86 17.74
CA ARG D 459 5.29 26.01 18.11
C ARG D 459 6.03 26.64 16.96
N ASP D 460 7.12 27.34 17.29
CA ASP D 460 7.93 27.97 16.25
C ASP D 460 8.63 26.93 15.39
N VAL D 461 8.78 27.23 14.10
CA VAL D 461 9.55 26.37 13.21
C VAL D 461 10.98 26.29 13.73
N SER D 462 11.54 25.08 13.76
CA SER D 462 12.80 24.89 14.49
C SER D 462 13.50 23.61 14.06
N PHE D 463 14.75 23.48 14.51
CA PHE D 463 15.48 22.24 14.34
C PHE D 463 14.80 21.08 15.06
N GLN D 464 14.03 21.36 16.11
CA GLN D 464 13.30 20.27 16.75
C GLN D 464 12.28 19.65 15.80
N MET D 465 11.67 20.46 14.92
CA MET D 465 10.80 19.89 13.91
C MET D 465 11.57 18.99 12.95
N VAL D 466 12.81 19.38 12.62
CA VAL D 466 13.63 18.56 11.74
C VAL D 466 13.86 17.20 12.36
N ILE D 467 14.22 17.18 13.65
CA ILE D 467 14.43 15.91 14.35
C ILE D 467 13.13 15.12 14.34
N ASP D 468 12.01 15.78 14.66
CA ASP D 468 10.73 15.08 14.64
C ASP D 468 10.44 14.48 13.27
N ASP D 469 10.71 15.22 12.19
CA ASP D 469 10.47 14.70 10.85
C ASP D 469 11.41 13.54 10.51
N ILE D 470 12.65 13.56 11.01
CA ILE D 470 13.58 12.46 10.75
C ILE D 470 13.03 11.15 11.35
N PHE D 471 12.35 11.25 12.49
CA PHE D 471 11.83 10.06 13.17
C PHE D 471 10.39 9.73 12.81
N ALA D 472 9.69 10.62 12.11
CA ALA D 472 8.22 10.53 12.07
C ALA D 472 7.74 9.24 11.40
N VAL D 473 8.31 8.88 10.25
CA VAL D 473 7.77 7.74 9.52
C VAL D 473 8.00 6.44 10.30
N GLY D 474 9.17 6.30 10.92
CA GLY D 474 9.38 5.14 11.78
C GLY D 474 8.43 5.08 12.96
N LYS D 475 7.93 6.23 13.38
CA LYS D 475 6.93 6.30 14.44
C LYS D 475 5.49 6.33 13.91
N GLY D 476 5.28 6.14 12.62
CA GLY D 476 3.94 5.87 12.12
C GLY D 476 3.25 6.97 11.33
N ARG D 477 3.95 8.04 10.93
CA ARG D 477 3.28 9.13 10.22
C ARG D 477 4.28 9.92 9.40
N LEU D 478 3.77 10.73 8.47
CA LEU D 478 4.69 11.49 7.62
C LEU D 478 5.28 12.70 8.33
N ILE D 479 4.44 13.47 9.03
CA ILE D 479 4.85 14.75 9.57
C ILE D 479 5.14 14.59 11.06
N GLY D 480 6.27 15.15 11.51
CA GLY D 480 6.64 15.06 12.91
C GLY D 480 5.84 16.00 13.79
N ARG D 481 4.56 15.68 14.00
CA ARG D 481 3.71 16.49 14.85
C ARG D 481 4.16 16.37 16.32
N PRO D 482 3.87 17.38 17.14
CA PRO D 482 4.23 17.28 18.55
C PRO D 482 3.45 16.18 19.24
N GLU D 483 4.10 15.55 20.21
CA GLU D 483 3.59 14.30 20.78
C GLU D 483 2.30 14.53 21.59
#